data_6J26
#
_entry.id   6J26
#
_cell.length_a   74.170
_cell.length_b   74.170
_cell.length_c   105.934
_cell.angle_alpha   90.00
_cell.angle_beta   90.00
_cell.angle_gamma   120.00
#
_symmetry.space_group_name_H-M   'P 31'
#
loop_
_entity.id
_entity.type
_entity.pdbx_description
1 polymer 'N(4)-bis(aminopropyl)spermidine synthase'
2 non-polymer "5'-DEOXY-5'-METHYLTHIOADENOSINE"
3 non-polymer N~1~,N~1~,N~1~-tris(3-azaniumylpropyl)butane-1,4-diaminium
4 non-polymer 'FE (III) ION'
5 water water
#
_entity_poly.entity_id   1
_entity_poly.type   'polypeptide(L)'
_entity_poly.pdbx_seq_one_letter_code
;MGSSHHHHHHSSGLVPRGSHMREIIERVKEKTTIPVYERTIENVLSAIQASGDVWRIVDLSEEPLPLVVAVVTALYELGY
VAFENNQVILTRKGKELVEKYGIGPRADYTCSHCQGRTVEIDAFSELLEQFKEITRDRPEPAHQFDQAYVTPETTVARVA
LMHSRGDLENKEVFVLGDDDLTSVALMLSGLPKRIAVLDIDERLTKFIEKAADEIGYENIEIFTFDLRKPLPDYALHKFD
TFITDPPETVEAIRAFVGRGIATLKGPGCAGYFGITRRESSLDKWREIQRVLLNEFGVVITDIIRNFNEYVNWGYVEETR
AWRLLPIKVKPSYNWYKSYMFRIQTLEGSKGFEDEITVGQELYDDEESSTT
;
_entity_poly.pdbx_strand_id   A,B
#
# COMPACT_ATOMS: atom_id res chain seq x y z
N SER A 19 -23.28 5.33 -26.81
CA SER A 19 -23.62 4.45 -27.96
C SER A 19 -22.86 3.11 -27.91
N HIS A 20 -21.56 3.16 -28.15
CA HIS A 20 -20.70 1.97 -28.13
C HIS A 20 -20.53 1.44 -26.71
N MET A 21 -20.00 2.30 -25.82
CA MET A 21 -19.64 1.90 -24.47
C MET A 21 -20.86 1.69 -23.56
N ARG A 22 -21.87 2.55 -23.69
CA ARG A 22 -23.12 2.41 -22.91
C ARG A 22 -23.85 1.09 -23.18
N GLU A 23 -23.84 0.64 -24.43
CA GLU A 23 -24.43 -0.64 -24.80
C GLU A 23 -23.72 -1.82 -24.12
N ILE A 24 -22.39 -1.74 -24.03
CA ILE A 24 -21.58 -2.76 -23.35
C ILE A 24 -21.90 -2.75 -21.85
N ILE A 25 -21.84 -1.56 -21.23
CA ILE A 25 -22.11 -1.40 -19.80
C ILE A 25 -23.52 -1.88 -19.43
N GLU A 26 -24.51 -1.54 -20.27
CA GLU A 26 -25.89 -2.02 -20.07
C GLU A 26 -26.00 -3.54 -20.14
N ARG A 27 -25.31 -4.16 -21.11
CA ARG A 27 -25.33 -5.61 -21.27
C ARG A 27 -24.66 -6.35 -20.10
N VAL A 28 -23.61 -5.76 -19.53
CA VAL A 28 -22.93 -6.36 -18.37
C VAL A 28 -23.81 -6.30 -17.11
N LYS A 29 -24.52 -5.19 -16.92
CA LYS A 29 -25.45 -5.04 -15.78
C LYS A 29 -26.63 -6.03 -15.78
N GLU A 30 -26.99 -6.54 -16.96
CA GLU A 30 -27.97 -7.63 -17.07
C GLU A 30 -27.45 -8.98 -16.55
N LYS A 31 -26.12 -9.16 -16.55
CA LYS A 31 -25.47 -10.43 -16.18
C LYS A 31 -24.96 -10.52 -14.74
N THR A 32 -24.79 -9.38 -14.07
CA THR A 32 -24.26 -9.34 -12.70
C THR A 32 -24.71 -8.11 -11.92
N THR A 33 -24.82 -8.27 -10.60
CA THR A 33 -25.11 -7.16 -9.68
C THR A 33 -23.85 -6.46 -9.15
N ILE A 34 -22.67 -6.95 -9.55
CA ILE A 34 -21.40 -6.33 -9.17
C ILE A 34 -21.32 -4.99 -9.90
N PRO A 35 -20.92 -3.89 -9.20
CA PRO A 35 -20.84 -2.58 -9.86
C PRO A 35 -20.00 -2.58 -11.14
N VAL A 36 -20.51 -1.93 -12.18
CA VAL A 36 -19.85 -1.88 -13.48
C VAL A 36 -19.66 -0.41 -13.87
N TYR A 37 -18.42 -0.07 -14.21
CA TYR A 37 -18.08 1.26 -14.69
C TYR A 37 -17.47 1.15 -16.07
N GLU A 38 -17.24 2.29 -16.71
CA GLU A 38 -16.51 2.34 -17.97
C GLU A 38 -15.08 1.82 -17.78
N ARG A 39 -14.48 2.15 -16.64
CA ARG A 39 -13.14 1.65 -16.28
C ARG A 39 -13.05 0.13 -16.17
N THR A 40 -14.13 -0.51 -15.68
CA THR A 40 -14.24 -1.97 -15.67
C THR A 40 -14.01 -2.55 -17.07
N ILE A 41 -14.67 -1.95 -18.06
CA ILE A 41 -14.60 -2.40 -19.45
C ILE A 41 -13.21 -2.12 -20.02
N GLU A 42 -12.67 -0.94 -19.71
CA GLU A 42 -11.30 -0.57 -20.10
C GLU A 42 -10.25 -1.53 -19.55
N ASN A 43 -10.35 -1.83 -18.26
CA ASN A 43 -9.41 -2.76 -17.60
C ASN A 43 -9.39 -4.15 -18.27
N VAL A 44 -10.56 -4.65 -18.64
CA VAL A 44 -10.68 -5.96 -19.30
C VAL A 44 -10.15 -5.89 -20.73
N LEU A 45 -10.55 -4.87 -21.49
CA LEU A 45 -10.08 -4.67 -22.86
C LEU A 45 -8.56 -4.44 -22.94
N SER A 46 -8.01 -3.71 -21.97
CA SER A 46 -6.57 -3.52 -21.86
C SER A 46 -5.86 -4.86 -21.59
N ALA A 47 -6.44 -5.67 -20.71
CA ALA A 47 -5.92 -7.00 -20.40
C ALA A 47 -6.00 -7.96 -21.59
N ILE A 48 -7.11 -7.91 -22.33
CA ILE A 48 -7.29 -8.74 -23.53
C ILE A 48 -6.18 -8.49 -24.56
N GLN A 49 -5.80 -7.23 -24.76
CA GLN A 49 -4.73 -6.88 -25.70
C GLN A 49 -3.36 -7.43 -25.27
N ALA A 50 -3.11 -7.50 -23.96
CA ALA A 50 -1.87 -8.07 -23.42
C ALA A 50 -1.85 -9.60 -23.44
N SER A 51 -3.02 -10.24 -23.30
CA SER A 51 -3.10 -11.70 -23.22
C SER A 51 -4.50 -12.23 -23.54
N GLY A 52 -4.55 -13.33 -24.29
CA GLY A 52 -5.80 -14.02 -24.59
C GLY A 52 -6.24 -15.05 -23.55
N ASP A 53 -5.35 -15.36 -22.59
CA ASP A 53 -5.63 -16.33 -21.54
C ASP A 53 -6.61 -15.74 -20.53
N VAL A 54 -7.77 -16.41 -20.36
CA VAL A 54 -8.85 -15.90 -19.49
C VAL A 54 -8.43 -15.69 -18.03
N TRP A 55 -7.56 -16.56 -17.51
CA TRP A 55 -7.02 -16.40 -16.17
C TRP A 55 -6.10 -15.18 -16.07
N ARG A 56 -5.28 -14.98 -17.11
CA ARG A 56 -4.40 -13.82 -17.22
C ARG A 56 -5.17 -12.51 -17.44
N ILE A 57 -6.32 -12.60 -18.10
CA ILE A 57 -7.21 -11.45 -18.28
C ILE A 57 -7.79 -11.01 -16.92
N VAL A 58 -8.19 -11.98 -16.09
CA VAL A 58 -8.64 -11.67 -14.71
C VAL A 58 -7.48 -11.05 -13.92
N ASP A 59 -6.32 -11.69 -13.99
CA ASP A 59 -5.08 -11.21 -13.37
C ASP A 59 -4.75 -9.74 -13.73
N LEU A 60 -4.54 -9.49 -15.02
CA LEU A 60 -4.09 -8.16 -15.49
C LEU A 60 -5.15 -7.06 -15.38
N SER A 61 -6.42 -7.41 -15.55
CA SER A 61 -7.52 -6.44 -15.39
C SER A 61 -7.71 -5.99 -13.94
N GLU A 62 -7.34 -6.85 -12.99
CA GLU A 62 -7.57 -6.62 -11.55
C GLU A 62 -9.04 -6.36 -11.22
N GLU A 63 -9.93 -7.06 -11.93
CA GLU A 63 -11.36 -7.05 -11.66
C GLU A 63 -11.75 -8.42 -11.14
N PRO A 64 -12.80 -8.51 -10.31
CA PRO A 64 -13.21 -9.82 -9.80
C PRO A 64 -13.71 -10.76 -10.92
N LEU A 65 -13.44 -12.05 -10.76
CA LEU A 65 -13.64 -13.02 -11.85
C LEU A 65 -15.06 -13.03 -12.44
N PRO A 66 -16.12 -13.03 -11.61
CA PRO A 66 -17.48 -12.99 -12.15
C PRO A 66 -17.80 -11.74 -12.98
N LEU A 67 -17.24 -10.59 -12.57
CA LEU A 67 -17.38 -9.35 -13.33
C LEU A 67 -16.63 -9.43 -14.67
N VAL A 68 -15.43 -10.00 -14.66
CA VAL A 68 -14.64 -10.21 -15.88
C VAL A 68 -15.40 -11.13 -16.86
N VAL A 69 -16.02 -12.18 -16.33
CA VAL A 69 -16.85 -13.10 -17.12
C VAL A 69 -18.04 -12.37 -17.78
N ALA A 70 -18.72 -11.54 -17.01
CA ALA A 70 -19.84 -10.73 -17.52
C ALA A 70 -19.40 -9.77 -18.63
N VAL A 71 -18.25 -9.12 -18.43
CA VAL A 71 -17.69 -8.20 -19.44
C VAL A 71 -17.27 -8.96 -20.71
N VAL A 72 -16.60 -10.10 -20.56
CA VAL A 72 -16.14 -10.90 -21.70
C VAL A 72 -17.33 -11.46 -22.50
N THR A 73 -18.35 -11.96 -21.81
CA THR A 73 -19.56 -12.48 -22.45
C THR A 73 -20.36 -11.38 -23.17
N ALA A 74 -20.43 -10.19 -22.56
CA ALA A 74 -21.07 -9.03 -23.18
C ALA A 74 -20.35 -8.60 -24.46
N LEU A 75 -19.02 -8.50 -24.41
CA LEU A 75 -18.20 -8.21 -25.58
C LEU A 75 -18.33 -9.27 -26.66
N TYR A 76 -18.43 -10.53 -26.24
CA TYR A 76 -18.61 -11.67 -27.15
C TYR A 76 -19.94 -11.59 -27.90
N GLU A 77 -21.03 -11.33 -27.17
CA GLU A 77 -22.37 -11.20 -27.76
C GLU A 77 -22.49 -10.01 -28.71
N LEU A 78 -21.91 -8.88 -28.33
CA LEU A 78 -21.94 -7.66 -29.14
C LEU A 78 -20.94 -7.64 -30.30
N GLY A 79 -20.11 -8.69 -30.42
CA GLY A 79 -19.24 -8.89 -31.58
C GLY A 79 -17.84 -8.32 -31.49
N TYR A 80 -17.38 -8.02 -30.27
CA TYR A 80 -16.06 -7.40 -30.05
C TYR A 80 -14.95 -8.41 -29.78
N VAL A 81 -15.29 -9.57 -29.21
CA VAL A 81 -14.30 -10.65 -28.99
C VAL A 81 -14.80 -11.98 -29.56
N ALA A 82 -13.84 -12.86 -29.84
CA ALA A 82 -14.09 -14.22 -30.27
C ALA A 82 -13.15 -15.16 -29.53
N PHE A 83 -13.56 -16.42 -29.39
CA PHE A 83 -12.74 -17.43 -28.72
C PHE A 83 -12.09 -18.35 -29.75
N GLU A 84 -10.80 -18.13 -30.00
CA GLU A 84 -10.03 -18.90 -30.98
C GLU A 84 -8.88 -19.64 -30.29
N ASN A 85 -8.87 -20.96 -30.43
CA ASN A 85 -7.87 -21.84 -29.80
CA ASN A 85 -7.87 -21.83 -29.79
C ASN A 85 -7.79 -21.60 -28.28
N ASN A 86 -8.96 -21.44 -27.66
CA ASN A 86 -9.10 -21.16 -26.21
C ASN A 86 -8.40 -19.86 -25.76
N GLN A 87 -8.42 -18.85 -26.65
CA GLN A 87 -7.90 -17.51 -26.36
C GLN A 87 -8.99 -16.50 -26.65
N VAL A 88 -9.20 -15.55 -25.75
CA VAL A 88 -10.09 -14.42 -25.99
C VAL A 88 -9.33 -13.40 -26.84
N ILE A 89 -9.66 -13.31 -28.13
CA ILE A 89 -9.02 -12.33 -29.02
C ILE A 89 -10.01 -11.28 -29.51
N LEU A 90 -9.50 -10.07 -29.75
CA LEU A 90 -10.33 -8.98 -30.29
C LEU A 90 -10.66 -9.25 -31.75
N THR A 91 -11.93 -9.05 -32.10
CA THR A 91 -12.36 -9.10 -33.50
C THR A 91 -11.94 -7.80 -34.19
N ARG A 92 -12.20 -7.72 -35.49
CA ARG A 92 -11.98 -6.50 -36.25
C ARG A 92 -12.81 -5.33 -35.68
N LYS A 93 -14.03 -5.63 -35.25
CA LYS A 93 -14.88 -4.66 -34.53
C LYS A 93 -14.29 -4.28 -33.16
N GLY A 94 -13.73 -5.25 -32.44
CA GLY A 94 -13.04 -5.02 -31.18
C GLY A 94 -11.83 -4.10 -31.27
N LYS A 95 -11.04 -4.27 -32.33
CA LYS A 95 -9.88 -3.41 -32.59
C LYS A 95 -10.29 -1.97 -32.90
N GLU A 96 -11.43 -1.80 -33.57
CA GLU A 96 -12.02 -0.46 -33.78
C GLU A 96 -12.50 0.17 -32.46
N LEU A 97 -13.06 -0.64 -31.56
CA LEU A 97 -13.52 -0.17 -30.25
C LEU A 97 -12.39 0.40 -29.38
N VAL A 98 -11.33 -0.39 -29.20
CA VAL A 98 -10.17 0.05 -28.40
C VAL A 98 -9.41 1.22 -29.04
N GLU A 99 -9.42 1.28 -30.37
CA GLU A 99 -8.90 2.43 -31.12
C GLU A 99 -9.73 3.69 -30.84
N LYS A 100 -11.05 3.56 -30.92
CA LYS A 100 -11.98 4.67 -30.70
C LYS A 100 -11.86 5.30 -29.31
N TYR A 101 -11.82 4.47 -28.28
CA TYR A 101 -11.73 4.92 -26.88
C TYR A 101 -10.29 5.10 -26.36
N GLY A 102 -9.29 4.79 -27.18
CA GLY A 102 -7.89 5.00 -26.82
C GLY A 102 -7.41 4.09 -25.70
N ILE A 103 -7.88 2.84 -25.71
CA ILE A 103 -7.53 1.86 -24.69
C ILE A 103 -6.31 1.08 -25.17
N GLY A 104 -5.15 1.39 -24.61
CA GLY A 104 -3.91 0.70 -24.95
C GLY A 104 -3.80 -0.62 -24.20
N PRO A 105 -2.86 -1.50 -24.61
CA PRO A 105 -2.61 -2.72 -23.87
C PRO A 105 -1.97 -2.41 -22.52
N ARG A 106 -2.38 -3.13 -21.48
CA ARG A 106 -1.94 -2.84 -20.12
C ARG A 106 -0.45 -3.14 -19.96
N ALA A 107 0.34 -2.09 -19.75
CA ALA A 107 1.77 -2.24 -19.48
C ALA A 107 1.98 -2.74 -18.05
N ASP A 108 3.16 -3.30 -17.80
CA ASP A 108 3.51 -3.84 -16.49
C ASP A 108 5.02 -3.78 -16.30
N TYR A 109 5.46 -3.01 -15.31
CA TYR A 109 6.88 -2.84 -15.00
C TYR A 109 7.22 -3.39 -13.62
N THR A 110 6.54 -4.46 -13.22
CA THR A 110 6.76 -5.10 -11.92
C THR A 110 8.19 -5.58 -11.82
N CYS A 111 8.86 -5.24 -10.71
CA CYS A 111 10.27 -5.58 -10.49
C CYS A 111 10.47 -7.09 -10.56
N SER A 112 11.40 -7.51 -11.43
CA SER A 112 11.67 -8.94 -11.65
C SER A 112 12.52 -9.60 -10.55
N HIS A 113 13.10 -8.80 -9.66
CA HIS A 113 13.96 -9.30 -8.60
C HIS A 113 13.15 -9.69 -7.35
N CYS A 114 12.25 -8.79 -6.93
CA CYS A 114 11.36 -9.02 -5.79
C CYS A 114 9.92 -9.41 -6.15
N GLN A 115 9.59 -9.45 -7.45
CA GLN A 115 8.24 -9.76 -7.94
C GLN A 115 7.18 -8.75 -7.44
N GLY A 116 7.59 -7.51 -7.24
CA GLY A 116 6.72 -6.47 -6.69
C GLY A 116 6.48 -6.49 -5.18
N ARG A 117 7.14 -7.41 -4.46
CA ARG A 117 6.93 -7.55 -3.01
C ARG A 117 7.55 -6.43 -2.17
N THR A 118 8.47 -5.64 -2.75
CA THR A 118 9.27 -4.61 -2.06
C THR A 118 10.45 -5.16 -1.24
N VAL A 119 10.37 -6.42 -0.83
CA VAL A 119 11.43 -7.08 -0.07
C VAL A 119 12.01 -8.23 -0.87
N GLU A 120 13.32 -8.43 -0.75
CA GLU A 120 14.01 -9.57 -1.36
C GLU A 120 14.30 -10.60 -0.28
N ILE A 121 14.43 -11.86 -0.68
CA ILE A 121 14.64 -12.98 0.25
C ILE A 121 16.02 -13.64 0.09
N ASP A 122 17.02 -12.84 -0.31
CA ASP A 122 18.39 -13.34 -0.50
C ASP A 122 19.00 -13.80 0.82
N ALA A 123 18.74 -13.03 1.88
CA ALA A 123 19.23 -13.35 3.23
C ALA A 123 18.47 -14.49 3.95
N PHE A 124 17.37 -14.95 3.38
CA PHE A 124 16.59 -16.07 3.94
C PHE A 124 16.64 -17.33 3.06
N SER A 125 17.72 -17.51 2.29
CA SER A 125 17.87 -18.68 1.41
C SER A 125 17.94 -20.00 2.21
N GLU A 126 18.55 -19.94 3.39
CA GLU A 126 18.60 -21.08 4.31
C GLU A 126 17.23 -21.42 4.89
N LEU A 127 16.50 -20.38 5.31
CA LEU A 127 15.12 -20.52 5.80
C LEU A 127 14.20 -21.14 4.74
N LEU A 128 14.35 -20.68 3.50
CA LEU A 128 13.59 -21.21 2.36
C LEU A 128 13.88 -22.69 2.13
N GLU A 129 15.16 -23.07 2.21
CA GLU A 129 15.59 -24.47 2.08
C GLU A 129 15.02 -25.35 3.20
N GLN A 130 15.09 -24.86 4.43
CA GLN A 130 14.52 -25.56 5.59
C GLN A 130 13.00 -25.68 5.50
N PHE A 131 12.33 -24.60 5.06
CA PHE A 131 10.87 -24.59 4.90
C PHE A 131 10.39 -25.58 3.84
N LYS A 132 11.04 -25.58 2.68
CA LYS A 132 10.70 -26.52 1.60
C LYS A 132 10.87 -27.98 2.03
N GLU A 133 11.96 -28.26 2.74
CA GLU A 133 12.25 -29.61 3.22
C GLU A 133 11.16 -30.14 4.16
N ILE A 134 10.81 -29.36 5.18
CA ILE A 134 9.82 -29.77 6.18
C ILE A 134 8.35 -29.76 5.69
N THR A 135 8.07 -29.03 4.60
CA THR A 135 6.71 -28.95 4.02
C THR A 135 6.52 -29.76 2.73
N ARG A 136 7.40 -30.74 2.49
CA ARG A 136 7.27 -31.65 1.33
C ARG A 136 5.91 -32.35 1.26
N ASP A 137 5.45 -32.85 2.40
CA ASP A 137 4.20 -33.60 2.51
C ASP A 137 3.08 -32.78 3.17
N ARG A 138 3.05 -31.47 2.89
CA ARG A 138 2.05 -30.58 3.48
C ARG A 138 0.64 -30.97 3.05
N PRO A 139 -0.37 -30.72 3.92
CA PRO A 139 -1.74 -31.04 3.52
C PRO A 139 -2.19 -30.25 2.29
N GLU A 140 -2.76 -30.95 1.30
CA GLU A 140 -3.26 -30.31 0.09
C GLU A 140 -4.55 -29.55 0.39
N PRO A 141 -4.83 -28.48 -0.38
CA PRO A 141 -5.94 -27.58 -0.04
C PRO A 141 -7.32 -28.22 -0.15
N ALA A 142 -8.10 -28.13 0.93
CA ALA A 142 -9.47 -28.64 0.99
C ALA A 142 -10.46 -27.59 0.50
N HIS A 143 -11.35 -28.00 -0.40
CA HIS A 143 -12.43 -27.16 -0.94
C HIS A 143 -13.29 -26.54 0.17
N GLN A 144 -13.76 -27.39 1.08
CA GLN A 144 -14.72 -26.96 2.12
C GLN A 144 -14.25 -25.82 3.03
N PHE A 145 -12.93 -25.70 3.22
CA PHE A 145 -12.35 -24.61 4.01
C PHE A 145 -11.66 -23.52 3.17
N ASP A 146 -11.98 -23.42 1.88
CA ASP A 146 -11.52 -22.31 1.03
C ASP A 146 -9.98 -22.19 1.02
N GLN A 147 -9.30 -23.32 0.96
CA GLN A 147 -7.84 -23.37 1.13
C GLN A 147 -7.10 -23.21 -0.20
N ALA A 148 -5.95 -22.55 -0.12
CA ALA A 148 -4.94 -22.53 -1.18
C ALA A 148 -3.69 -21.88 -0.59
N TYR A 149 -2.61 -22.65 -0.50
CA TYR A 149 -1.39 -22.15 0.13
C TYR A 149 -0.55 -21.33 -0.83
N VAL A 150 0.08 -20.28 -0.30
CA VAL A 150 1.00 -19.46 -1.07
C VAL A 150 2.29 -20.22 -1.38
N THR A 151 3.07 -19.72 -2.32
CA THR A 151 4.35 -20.33 -2.67
C THR A 151 5.31 -20.27 -1.47
N PRO A 152 6.27 -21.20 -1.39
CA PRO A 152 7.26 -21.10 -0.30
C PRO A 152 8.08 -19.80 -0.32
N GLU A 153 8.30 -19.24 -1.50
CA GLU A 153 8.97 -17.94 -1.66
C GLU A 153 8.15 -16.82 -1.02
N THR A 154 6.82 -16.87 -1.22
CA THR A 154 5.89 -15.93 -0.59
C THR A 154 5.94 -16.01 0.94
N THR A 155 5.90 -17.23 1.48
CA THR A 155 5.94 -17.44 2.94
C THR A 155 7.21 -16.86 3.56
N VAL A 156 8.35 -17.02 2.89
CA VAL A 156 9.62 -16.45 3.35
C VAL A 156 9.63 -14.92 3.18
N ALA A 157 9.02 -14.42 2.10
CA ALA A 157 8.87 -12.98 1.89
C ALA A 157 8.02 -12.33 3.01
N ARG A 158 6.95 -13.02 3.42
CA ARG A 158 6.14 -12.59 4.56
C ARG A 158 6.98 -12.41 5.82
N VAL A 159 7.86 -13.38 6.11
CA VAL A 159 8.74 -13.31 7.28
C VAL A 159 9.68 -12.10 7.17
N ALA A 160 10.25 -11.92 5.98
CA ALA A 160 11.13 -10.77 5.71
C ALA A 160 10.41 -9.43 5.89
N LEU A 161 9.19 -9.34 5.37
CA LEU A 161 8.37 -8.13 5.53
C LEU A 161 8.05 -7.85 7.00
N MET A 162 7.49 -8.85 7.67
CA MET A 162 7.10 -8.72 9.08
C MET A 162 8.29 -8.39 9.99
N HIS A 163 9.43 -9.03 9.73
CA HIS A 163 10.66 -8.76 10.47
C HIS A 163 11.22 -7.36 10.19
N SER A 164 11.14 -6.91 8.93
CA SER A 164 11.63 -5.57 8.56
C SER A 164 10.86 -4.42 9.22
N ARG A 165 9.60 -4.66 9.60
CA ARG A 165 8.78 -3.69 10.33
C ARG A 165 8.85 -3.85 11.87
N GLY A 166 9.70 -4.77 12.35
CA GLY A 166 9.90 -4.97 13.79
C GLY A 166 8.79 -5.74 14.50
N ASP A 167 8.10 -6.62 13.78
CA ASP A 167 6.89 -7.29 14.28
C ASP A 167 7.07 -8.78 14.61
N LEU A 168 8.29 -9.32 14.52
CA LEU A 168 8.56 -10.74 14.82
C LEU A 168 9.54 -11.00 15.97
N GLU A 169 10.66 -10.27 16.01
CA GLU A 169 11.75 -10.57 16.97
C GLU A 169 11.35 -10.32 18.42
N ASN A 170 11.35 -11.40 19.22
CA ASN A 170 10.88 -11.40 20.61
C ASN A 170 9.42 -11.00 20.76
N LYS A 171 8.62 -11.25 19.72
CA LYS A 171 7.20 -10.90 19.72
C LYS A 171 6.34 -12.14 19.87
N GLU A 172 5.14 -11.93 20.41
CA GLU A 172 4.15 -12.98 20.59
C GLU A 172 3.19 -12.89 19.41
N VAL A 173 3.25 -13.88 18.52
CA VAL A 173 2.61 -13.82 17.20
C VAL A 173 1.44 -14.80 17.12
N PHE A 174 0.29 -14.32 16.65
CA PHE A 174 -0.90 -15.15 16.49
C PHE A 174 -1.17 -15.41 15.00
N VAL A 175 -1.43 -16.66 14.64
CA VAL A 175 -1.69 -17.05 13.26
C VAL A 175 -3.11 -17.63 13.18
N LEU A 176 -4.04 -16.86 12.60
CA LEU A 176 -5.44 -17.28 12.50
C LEU A 176 -5.66 -17.95 11.14
N GLY A 177 -5.67 -19.28 11.13
CA GLY A 177 -5.70 -20.07 9.90
C GLY A 177 -4.30 -20.15 9.30
N ASP A 178 -3.88 -21.34 8.88
CA ASP A 178 -2.51 -21.52 8.42
C ASP A 178 -2.27 -22.68 7.45
N ASP A 179 -3.05 -22.73 6.37
CA ASP A 179 -2.71 -23.60 5.23
C ASP A 179 -1.40 -23.16 4.56
N ASP A 180 -1.10 -21.86 4.64
CA ASP A 180 0.18 -21.30 4.18
C ASP A 180 1.39 -21.79 4.98
N LEU A 181 1.16 -22.25 6.21
CA LEU A 181 2.20 -22.75 7.13
C LEU A 181 3.21 -21.65 7.50
N THR A 182 2.73 -20.43 7.65
CA THR A 182 3.53 -19.31 8.16
C THR A 182 4.12 -19.60 9.54
N SER A 183 3.35 -20.28 10.39
CA SER A 183 3.81 -20.68 11.73
C SER A 183 5.03 -21.59 11.70
N VAL A 184 5.11 -22.46 10.68
CA VAL A 184 6.27 -23.34 10.49
C VAL A 184 7.49 -22.51 10.08
N ALA A 185 7.30 -21.58 9.16
CA ALA A 185 8.35 -20.63 8.76
C ALA A 185 8.81 -19.75 9.93
N LEU A 186 7.86 -19.34 10.78
CA LEU A 186 8.18 -18.57 11.98
C LEU A 186 8.98 -19.37 13.01
N MET A 187 8.63 -20.65 13.19
CA MET A 187 9.41 -21.55 14.05
C MET A 187 10.86 -21.69 13.57
N LEU A 188 11.02 -21.94 12.28
CA LEU A 188 12.35 -22.07 11.66
C LEU A 188 13.21 -20.80 11.76
N SER A 189 12.57 -19.63 11.70
CA SER A 189 13.29 -18.34 11.79
C SER A 189 13.89 -18.08 13.17
N GLY A 190 13.28 -18.64 14.22
CA GLY A 190 13.72 -18.44 15.60
C GLY A 190 13.45 -17.07 16.18
N LEU A 191 12.66 -16.24 15.48
CA LEU A 191 12.44 -14.84 15.85
C LEU A 191 11.40 -14.63 16.96
N PRO A 192 10.22 -15.29 16.89
CA PRO A 192 9.19 -15.02 17.90
C PRO A 192 9.57 -15.47 19.32
N LYS A 193 9.05 -14.75 20.32
CA LYS A 193 9.09 -15.20 21.71
C LYS A 193 8.18 -16.41 21.86
N ARG A 194 6.97 -16.33 21.30
CA ARG A 194 6.07 -17.47 21.20
C ARG A 194 5.10 -17.34 20.03
N ILE A 195 4.51 -18.46 19.64
CA ILE A 195 3.57 -18.53 18.52
C ILE A 195 2.26 -19.16 19.00
N ALA A 196 1.14 -18.59 18.56
CA ALA A 196 -0.18 -19.22 18.72
C ALA A 196 -0.77 -19.39 17.32
N VAL A 197 -1.29 -20.57 17.03
CA VAL A 197 -1.87 -20.85 15.72
C VAL A 197 -3.15 -21.66 15.86
N LEU A 198 -4.17 -21.30 15.07
CA LEU A 198 -5.42 -22.03 15.03
C LEU A 198 -5.85 -22.29 13.60
N ASP A 199 -6.64 -23.35 13.42
CA ASP A 199 -7.25 -23.66 12.14
C ASP A 199 -8.43 -24.58 12.35
N ILE A 200 -9.45 -24.45 11.50
CA ILE A 200 -10.58 -25.39 11.50
C ILE A 200 -10.19 -26.80 11.03
N ASP A 201 -9.16 -26.88 10.19
CA ASP A 201 -8.69 -28.13 9.60
C ASP A 201 -7.75 -28.87 10.56
N GLU A 202 -8.20 -30.03 11.04
CA GLU A 202 -7.38 -30.95 11.87
C GLU A 202 -6.05 -31.35 11.23
N ARG A 203 -6.05 -31.52 9.91
CA ARG A 203 -4.85 -31.92 9.16
C ARG A 203 -3.71 -30.92 9.34
N LEU A 204 -4.03 -29.63 9.33
CA LEU A 204 -3.03 -28.58 9.48
C LEU A 204 -2.52 -28.44 10.91
N THR A 205 -3.42 -28.50 11.90
CA THR A 205 -3.01 -28.44 13.31
C THR A 205 -2.11 -29.63 13.69
N LYS A 206 -2.44 -30.82 13.19
CA LYS A 206 -1.62 -32.01 13.38
C LYS A 206 -0.26 -31.93 12.66
N PHE A 207 -0.27 -31.37 11.45
CA PHE A 207 0.98 -31.18 10.68
C PHE A 207 1.92 -30.19 11.37
N ILE A 208 1.38 -29.10 11.90
CA ILE A 208 2.16 -28.09 12.62
C ILE A 208 2.70 -28.67 13.93
N GLU A 209 1.88 -29.46 14.63
CA GLU A 209 2.31 -30.25 15.80
C GLU A 209 3.55 -31.10 15.50
N LYS A 210 3.44 -31.90 14.44
CA LYS A 210 4.53 -32.79 14.01
C LYS A 210 5.76 -31.99 13.57
N ALA A 211 5.54 -30.88 12.89
CA ALA A 211 6.62 -29.95 12.52
C ALA A 211 7.31 -29.38 13.75
N ALA A 212 6.52 -28.93 14.73
CA ALA A 212 7.04 -28.39 15.99
C ALA A 212 7.89 -29.39 16.78
N ASP A 213 7.41 -30.63 16.86
CA ASP A 213 8.15 -31.72 17.52
C ASP A 213 9.43 -32.09 16.76
N GLU A 214 9.38 -32.00 15.43
CA GLU A 214 10.53 -32.25 14.57
C GLU A 214 11.61 -31.16 14.71
N ILE A 215 11.19 -29.90 14.79
CA ILE A 215 12.11 -28.77 15.04
C ILE A 215 12.61 -28.76 16.49
N GLY A 216 11.77 -29.23 17.42
CA GLY A 216 12.04 -29.14 18.85
C GLY A 216 11.71 -27.75 19.36
N TYR A 217 10.58 -27.22 18.89
CA TYR A 217 10.13 -25.87 19.21
C TYR A 217 9.13 -25.94 20.36
N GLU A 218 9.46 -25.30 21.48
CA GLU A 218 8.68 -25.40 22.71
C GLU A 218 7.55 -24.37 22.81
N ASN A 219 7.81 -23.14 22.34
CA ASN A 219 6.91 -22.00 22.57
C ASN A 219 5.85 -21.82 21.48
N ILE A 220 5.12 -22.90 21.18
CA ILE A 220 3.99 -22.83 20.25
C ILE A 220 2.75 -23.49 20.86
N GLU A 221 1.60 -22.83 20.71
CA GLU A 221 0.31 -23.37 21.12
C GLU A 221 -0.54 -23.56 19.87
N ILE A 222 -1.05 -24.78 19.69
CA ILE A 222 -1.82 -25.17 18.50
C ILE A 222 -3.17 -25.67 18.95
N PHE A 223 -4.25 -25.19 18.33
CA PHE A 223 -5.58 -25.70 18.62
C PHE A 223 -6.57 -25.58 17.46
N THR A 224 -7.47 -26.55 17.37
CA THR A 224 -8.52 -26.57 16.35
C THR A 224 -9.64 -25.63 16.78
N PHE A 225 -10.10 -24.80 15.86
CA PHE A 225 -11.09 -23.77 16.19
C PHE A 225 -11.86 -23.28 14.96
N ASP A 226 -13.13 -22.96 15.16
CA ASP A 226 -13.99 -22.35 14.15
C ASP A 226 -14.14 -20.87 14.49
N LEU A 227 -13.67 -20.00 13.59
CA LEU A 227 -13.72 -18.54 13.78
C LEU A 227 -15.12 -17.93 13.65
N ARG A 228 -16.14 -18.75 13.37
CA ARG A 228 -17.54 -18.37 13.62
C ARG A 228 -17.79 -18.06 15.10
N LYS A 229 -17.10 -18.79 15.99
CA LYS A 229 -17.19 -18.59 17.44
C LYS A 229 -16.26 -17.47 17.91
N PRO A 230 -16.60 -16.80 19.03
CA PRO A 230 -15.66 -15.83 19.63
C PRO A 230 -14.41 -16.52 20.18
N LEU A 231 -13.26 -15.87 20.02
CA LEU A 231 -12.00 -16.41 20.55
C LEU A 231 -12.07 -16.55 22.08
N PRO A 232 -11.44 -17.60 22.64
CA PRO A 232 -11.48 -17.79 24.10
C PRO A 232 -10.63 -16.76 24.87
N ASP A 233 -10.78 -16.76 26.19
CA ASP A 233 -10.12 -15.79 27.10
C ASP A 233 -8.61 -15.66 26.85
N TYR A 234 -7.94 -16.82 26.78
CA TYR A 234 -6.47 -16.88 26.64
C TYR A 234 -5.90 -16.39 25.30
N ALA A 235 -6.76 -16.15 24.30
CA ALA A 235 -6.34 -15.55 23.02
C ALA A 235 -6.39 -14.02 23.04
N LEU A 236 -7.29 -13.44 23.84
CA LEU A 236 -7.60 -12.00 23.76
C LEU A 236 -6.55 -11.11 24.44
N HIS A 237 -6.12 -10.08 23.71
CA HIS A 237 -5.26 -9.01 24.23
C HIS A 237 -3.93 -9.46 24.87
N LYS A 238 -3.30 -10.46 24.26
CA LYS A 238 -2.03 -11.02 24.77
C LYS A 238 -0.90 -11.12 23.71
N PHE A 239 -1.11 -10.57 22.52
CA PHE A 239 -0.18 -10.76 21.40
C PHE A 239 0.24 -9.42 20.78
N ASP A 240 1.42 -9.41 20.17
CA ASP A 240 1.97 -8.20 19.54
C ASP A 240 1.64 -8.12 18.05
N THR A 241 1.55 -9.27 17.40
CA THR A 241 1.35 -9.36 15.95
C THR A 241 0.39 -10.48 15.62
N PHE A 242 -0.43 -10.28 14.59
CA PHE A 242 -1.22 -11.37 14.01
C PHE A 242 -1.04 -11.44 12.50
N ILE A 243 -1.23 -12.65 11.96
CA ILE A 243 -1.29 -12.84 10.52
C ILE A 243 -2.43 -13.79 10.17
N THR A 244 -3.16 -13.44 9.12
CA THR A 244 -4.30 -14.22 8.63
C THR A 244 -4.42 -14.00 7.14
N ASP A 245 -5.05 -14.93 6.44
CA ASP A 245 -5.24 -14.82 5.00
C ASP A 245 -6.68 -15.24 4.68
N PRO A 246 -7.63 -14.32 4.92
CA PRO A 246 -9.01 -14.70 5.13
C PRO A 246 -9.87 -14.81 3.87
N PRO A 247 -11.09 -15.37 4.00
CA PRO A 247 -12.10 -15.16 2.96
C PRO A 247 -12.52 -13.69 2.95
N GLU A 248 -13.18 -13.26 1.89
CA GLU A 248 -13.34 -11.83 1.62
C GLU A 248 -14.78 -11.31 1.64
N THR A 249 -15.68 -12.07 2.25
CA THR A 249 -16.98 -11.54 2.65
C THR A 249 -16.75 -10.63 3.86
N VAL A 250 -17.61 -9.64 4.04
CA VAL A 250 -17.50 -8.72 5.18
C VAL A 250 -17.56 -9.47 6.53
N GLU A 251 -18.37 -10.54 6.60
CA GLU A 251 -18.39 -11.44 7.76
C GLU A 251 -17.04 -12.10 8.02
N ALA A 252 -16.41 -12.62 6.97
CA ALA A 252 -15.09 -13.24 7.06
C ALA A 252 -14.01 -12.28 7.52
N ILE A 253 -14.07 -11.03 7.05
CA ILE A 253 -13.12 -9.99 7.48
C ILE A 253 -13.25 -9.76 8.99
N ARG A 254 -14.48 -9.68 9.49
CA ARG A 254 -14.72 -9.57 10.93
C ARG A 254 -14.27 -10.83 11.70
N ALA A 255 -14.59 -12.00 11.14
CA ALA A 255 -14.27 -13.28 11.79
C ALA A 255 -12.78 -13.63 11.82
N PHE A 256 -12.00 -13.14 10.84
CA PHE A 256 -10.57 -13.44 10.75
C PHE A 256 -9.72 -12.22 11.16
N VAL A 257 -9.88 -11.11 10.44
CA VAL A 257 -9.07 -9.90 10.66
C VAL A 257 -9.52 -9.20 11.94
N GLY A 258 -10.83 -9.06 12.12
CA GLY A 258 -11.40 -8.45 13.33
C GLY A 258 -11.02 -9.18 14.61
N ARG A 259 -11.13 -10.51 14.59
CA ARG A 259 -10.70 -11.33 15.72
C ARG A 259 -9.19 -11.29 15.92
N GLY A 260 -8.45 -11.20 14.82
CA GLY A 260 -6.99 -10.99 14.87
C GLY A 260 -6.62 -9.73 15.62
N ILE A 261 -7.35 -8.65 15.35
CA ILE A 261 -7.17 -7.38 16.07
C ILE A 261 -7.48 -7.55 17.57
N ALA A 262 -8.50 -8.34 17.89
CA ALA A 262 -8.86 -8.65 19.29
C ALA A 262 -7.76 -9.39 20.08
N THR A 263 -6.88 -10.12 19.39
CA THR A 263 -5.74 -10.79 20.03
C THR A 263 -4.63 -9.83 20.47
N LEU A 264 -4.59 -8.63 19.87
CA LEU A 264 -3.50 -7.68 20.10
C LEU A 264 -3.63 -6.98 21.45
N LYS A 265 -2.49 -6.79 22.12
CA LYS A 265 -2.44 -6.25 23.50
C LYS A 265 -3.04 -4.85 23.63
N GLY A 266 -2.82 -4.02 22.61
CA GLY A 266 -3.30 -2.64 22.63
C GLY A 266 -2.66 -1.86 21.50
N PRO A 267 -2.54 -0.52 21.65
CA PRO A 267 -1.88 0.32 20.63
C PRO A 267 -0.45 -0.10 20.33
N GLY A 268 0.00 0.14 19.10
CA GLY A 268 1.36 -0.19 18.67
C GLY A 268 1.60 -1.64 18.27
N CYS A 269 0.52 -2.39 18.03
CA CYS A 269 0.58 -3.79 17.63
C CYS A 269 0.20 -3.90 16.16
N ALA A 270 0.67 -4.97 15.50
CA ALA A 270 0.58 -5.10 14.04
C ALA A 270 -0.35 -6.23 13.59
N GLY A 271 -0.90 -6.07 12.39
CA GLY A 271 -1.72 -7.10 11.74
C GLY A 271 -1.33 -7.23 10.28
N TYR A 272 -1.29 -8.45 9.77
CA TYR A 272 -0.94 -8.72 8.37
C TYR A 272 -1.98 -9.61 7.72
N PHE A 273 -2.44 -9.25 6.52
CA PHE A 273 -3.41 -10.06 5.79
C PHE A 273 -3.49 -9.76 4.30
N GLY A 274 -3.91 -10.77 3.54
CA GLY A 274 -4.09 -10.64 2.10
C GLY A 274 -5.49 -10.22 1.74
N ILE A 275 -5.60 -9.35 0.73
CA ILE A 275 -6.87 -9.01 0.10
C ILE A 275 -6.68 -9.02 -1.42
N THR A 276 -7.50 -9.80 -2.12
CA THR A 276 -7.38 -9.97 -3.57
C THR A 276 -8.23 -8.95 -4.32
N ARG A 277 -7.85 -8.71 -5.58
CA ARG A 277 -8.71 -8.08 -6.58
C ARG A 277 -9.44 -9.15 -7.43
N ARG A 278 -9.07 -10.41 -7.21
CA ARG A 278 -9.67 -11.58 -7.87
C ARG A 278 -11.09 -11.88 -7.40
N GLU A 279 -11.32 -11.74 -6.10
CA GLU A 279 -12.62 -12.04 -5.50
C GLU A 279 -13.25 -10.87 -4.72
N SER A 280 -12.67 -9.68 -4.84
CA SER A 280 -13.27 -8.47 -4.26
C SER A 280 -13.15 -7.32 -5.24
N SER A 281 -14.29 -6.69 -5.53
CA SER A 281 -14.34 -5.45 -6.31
C SER A 281 -13.80 -4.32 -5.47
N LEU A 282 -13.38 -3.23 -6.12
CA LEU A 282 -12.92 -2.05 -5.40
C LEU A 282 -14.02 -1.38 -4.55
N ASP A 283 -15.28 -1.55 -4.96
CA ASP A 283 -16.41 -1.15 -4.10
C ASP A 283 -16.36 -1.89 -2.76
N LYS A 284 -16.11 -3.19 -2.79
CA LYS A 284 -15.98 -3.96 -1.55
C LYS A 284 -14.69 -3.61 -0.77
N TRP A 285 -13.61 -3.31 -1.48
CA TRP A 285 -12.39 -2.78 -0.84
C TRP A 285 -12.68 -1.51 -0.02
N ARG A 286 -13.48 -0.61 -0.57
CA ARG A 286 -13.91 0.60 0.15
C ARG A 286 -14.72 0.23 1.39
N GLU A 287 -15.61 -0.74 1.25
CA GLU A 287 -16.41 -1.24 2.38
C GLU A 287 -15.52 -1.87 3.45
N ILE A 288 -14.58 -2.71 3.04
CA ILE A 288 -13.63 -3.36 3.96
C ILE A 288 -12.71 -2.34 4.64
N GLN A 289 -12.20 -1.38 3.88
CA GLN A 289 -11.36 -0.31 4.43
C GLN A 289 -12.14 0.57 5.43
N ARG A 290 -13.41 0.82 5.13
CA ARG A 290 -14.31 1.50 6.08
C ARG A 290 -14.51 0.71 7.37
N VAL A 291 -14.63 -0.61 7.28
CA VAL A 291 -14.69 -1.48 8.47
C VAL A 291 -13.41 -1.32 9.30
N LEU A 292 -12.25 -1.40 8.64
CA LEU A 292 -10.95 -1.28 9.32
C LEU A 292 -10.78 0.08 10.02
N LEU A 293 -11.10 1.16 9.31
CA LEU A 293 -10.89 2.53 9.83
C LEU A 293 -11.98 3.01 10.80
N ASN A 294 -13.23 2.59 10.60
CA ASN A 294 -14.37 3.11 11.39
C ASN A 294 -14.82 2.16 12.50
N GLU A 295 -14.96 0.87 12.20
CA GLU A 295 -15.39 -0.11 13.21
C GLU A 295 -14.25 -0.50 14.15
N PHE A 296 -13.11 -0.89 13.56
CA PHE A 296 -11.95 -1.33 14.35
C PHE A 296 -10.97 -0.23 14.73
N GLY A 297 -11.01 0.90 14.04
CA GLY A 297 -10.15 2.04 14.36
C GLY A 297 -8.66 1.79 14.20
N VAL A 298 -8.30 0.91 13.26
CA VAL A 298 -6.89 0.64 12.95
C VAL A 298 -6.47 1.48 11.74
N VAL A 299 -5.16 1.71 11.63
CA VAL A 299 -4.60 2.43 10.49
C VAL A 299 -3.97 1.40 9.54
N ILE A 300 -4.05 1.68 8.23
CA ILE A 300 -3.45 0.83 7.21
C ILE A 300 -2.11 1.46 6.85
N THR A 301 -1.02 0.75 7.14
CA THR A 301 0.33 1.27 6.93
C THR A 301 0.93 0.87 5.57
N ASP A 302 0.53 -0.29 5.04
CA ASP A 302 1.03 -0.79 3.75
C ASP A 302 -0.08 -1.51 2.99
N ILE A 303 -0.09 -1.34 1.67
CA ILE A 303 -0.94 -2.12 0.74
C ILE A 303 -0.07 -2.40 -0.49
N ILE A 304 0.44 -3.63 -0.58
CA ILE A 304 1.45 -3.99 -1.58
C ILE A 304 0.86 -4.95 -2.62
N ARG A 305 0.82 -4.51 -3.87
CA ARG A 305 0.23 -5.26 -4.98
C ARG A 305 0.85 -6.64 -5.22
N ASN A 306 0.01 -7.66 -5.31
CA ASN A 306 0.41 -9.03 -5.66
C ASN A 306 1.60 -9.56 -4.84
N PHE A 307 1.61 -9.22 -3.55
CA PHE A 307 2.66 -9.70 -2.64
C PHE A 307 2.59 -11.21 -2.50
N ASN A 308 1.37 -11.73 -2.35
CA ASN A 308 1.14 -13.15 -2.17
C ASN A 308 0.83 -13.83 -3.51
N GLU A 309 1.65 -14.83 -3.86
CA GLU A 309 1.42 -15.68 -5.03
C GLU A 309 0.91 -17.03 -4.53
N TYR A 310 -0.26 -17.44 -5.01
CA TYR A 310 -0.91 -18.67 -4.56
C TYR A 310 -0.65 -19.84 -5.51
N VAL A 311 -0.41 -21.01 -4.94
CA VAL A 311 -0.22 -22.23 -5.72
C VAL A 311 -1.60 -22.70 -6.16
N ASN A 312 -1.73 -23.01 -7.45
CA ASN A 312 -3.00 -23.51 -8.02
C ASN A 312 -3.48 -24.75 -7.26
N TRP A 313 -4.80 -24.84 -7.07
CA TRP A 313 -5.42 -25.82 -6.17
C TRP A 313 -6.17 -26.85 -7.00
N GLY A 314 -6.10 -28.11 -6.58
CA GLY A 314 -6.62 -29.23 -7.34
C GLY A 314 -8.13 -29.34 -7.50
N TYR A 315 -8.91 -28.61 -6.69
CA TYR A 315 -10.37 -28.65 -6.74
C TYR A 315 -11.02 -27.59 -7.66
N VAL A 316 -10.21 -26.94 -8.50
CA VAL A 316 -10.66 -25.88 -9.42
C VAL A 316 -11.94 -26.19 -10.23
N GLU A 317 -12.04 -27.41 -10.77
CA GLU A 317 -13.21 -27.76 -11.60
C GLU A 317 -14.53 -27.90 -10.83
N GLU A 318 -14.45 -27.99 -9.50
CA GLU A 318 -15.64 -28.06 -8.65
C GLU A 318 -16.16 -26.68 -8.21
N THR A 319 -15.43 -25.61 -8.55
CA THR A 319 -15.76 -24.26 -8.04
C THR A 319 -16.63 -23.46 -9.01
N ARG A 320 -17.20 -22.38 -8.48
CA ARG A 320 -18.03 -21.45 -9.25
C ARG A 320 -17.27 -20.85 -10.44
N ALA A 321 -15.99 -20.56 -10.25
CA ALA A 321 -15.12 -20.02 -11.31
C ALA A 321 -15.17 -20.87 -12.59
N TRP A 322 -15.04 -22.18 -12.43
CA TRP A 322 -15.11 -23.12 -13.56
C TRP A 322 -16.45 -23.07 -14.29
N ARG A 323 -17.54 -22.97 -13.53
CA ARG A 323 -18.89 -22.90 -14.09
C ARG A 323 -19.15 -21.58 -14.82
N LEU A 324 -18.56 -20.49 -14.33
CA LEU A 324 -18.72 -19.16 -14.95
C LEU A 324 -17.88 -18.96 -16.22
N LEU A 325 -16.66 -19.53 -16.25
CA LEU A 325 -15.71 -19.24 -17.33
C LEU A 325 -16.23 -19.60 -18.74
N PRO A 326 -16.20 -18.64 -19.67
CA PRO A 326 -16.62 -18.94 -21.05
C PRO A 326 -15.59 -19.80 -21.82
N ILE A 327 -14.34 -19.86 -21.34
CA ILE A 327 -13.32 -20.78 -21.84
C ILE A 327 -12.87 -21.65 -20.67
N LYS A 328 -13.26 -22.92 -20.70
CA LYS A 328 -13.05 -23.84 -19.58
C LYS A 328 -11.76 -24.64 -19.76
N VAL A 329 -10.66 -24.00 -19.40
CA VAL A 329 -9.33 -24.61 -19.39
C VAL A 329 -8.67 -24.29 -18.06
N LYS A 330 -7.95 -25.25 -17.49
CA LYS A 330 -7.23 -25.06 -16.24
C LYS A 330 -6.12 -24.02 -16.38
N PRO A 331 -5.76 -23.31 -15.29
CA PRO A 331 -4.69 -22.33 -15.37
C PRO A 331 -3.31 -22.98 -15.58
N SER A 332 -2.46 -22.32 -16.37
CA SER A 332 -1.11 -22.80 -16.70
C SER A 332 -0.01 -22.13 -15.86
N TYR A 333 -0.38 -21.12 -15.07
CA TYR A 333 0.55 -20.42 -14.19
C TYR A 333 -0.21 -19.97 -12.94
N ASN A 334 0.52 -19.45 -11.96
CA ASN A 334 -0.10 -18.97 -10.71
C ASN A 334 -0.78 -17.61 -10.93
N TRP A 335 -1.96 -17.68 -11.52
CA TRP A 335 -2.81 -16.52 -11.83
C TRP A 335 -3.39 -15.79 -10.62
N TYR A 336 -3.54 -16.52 -9.50
CA TYR A 336 -4.23 -16.00 -8.32
C TYR A 336 -3.23 -15.37 -7.37
N LYS A 337 -3.39 -14.06 -7.14
CA LYS A 337 -2.51 -13.30 -6.24
C LYS A 337 -3.35 -12.37 -5.37
N SER A 338 -2.78 -11.96 -4.23
CA SER A 338 -3.44 -11.01 -3.33
C SER A 338 -2.48 -9.91 -2.88
N TYR A 339 -3.04 -8.75 -2.56
CA TYR A 339 -2.29 -7.63 -2.01
C TYR A 339 -2.00 -7.91 -0.55
N MET A 340 -0.81 -7.59 -0.07
CA MET A 340 -0.52 -7.67 1.37
C MET A 340 -0.93 -6.36 2.05
N PHE A 341 -1.83 -6.47 3.04
CA PHE A 341 -2.20 -5.36 3.91
C PHE A 341 -1.39 -5.47 5.20
N ARG A 342 -0.84 -4.34 5.66
CA ARG A 342 -0.38 -4.21 7.03
C ARG A 342 -1.23 -3.16 7.72
N ILE A 343 -1.70 -3.48 8.92
CA ILE A 343 -2.41 -2.54 9.79
C ILE A 343 -1.70 -2.42 11.13
N GLN A 344 -1.95 -1.30 11.81
CA GLN A 344 -1.40 -1.06 13.14
C GLN A 344 -2.48 -0.47 14.06
N THR A 345 -2.48 -0.89 15.32
CA THR A 345 -3.44 -0.43 16.30
C THR A 345 -2.98 0.89 16.91
N LEU A 346 -3.96 1.72 17.27
CA LEU A 346 -3.73 3.03 17.88
C LEU A 346 -4.63 3.16 19.09
N GLU A 347 -4.61 4.34 19.73
CA GLU A 347 -5.54 4.65 20.81
C GLU A 347 -6.98 4.48 20.32
N GLY A 348 -7.75 3.66 21.03
CA GLY A 348 -9.15 3.40 20.70
C GLY A 348 -9.41 2.32 19.66
N SER A 349 -8.37 1.64 19.19
CA SER A 349 -8.54 0.48 18.31
C SER A 349 -9.21 -0.66 19.09
N LYS A 350 -10.01 -1.46 18.39
CA LYS A 350 -10.66 -2.63 18.98
C LYS A 350 -10.96 -3.68 17.93
N GLY A 351 -11.10 -4.92 18.38
CA GLY A 351 -11.35 -6.07 17.50
C GLY A 351 -12.82 -6.47 17.46
N PHE A 352 -13.05 -7.71 17.03
CA PHE A 352 -14.38 -8.28 16.88
C PHE A 352 -14.49 -9.48 17.83
N GLU A 353 -15.55 -9.52 18.63
CA GLU A 353 -15.70 -10.52 19.69
C GLU A 353 -17.08 -11.20 19.77
N ASP A 354 -17.88 -11.10 18.71
CA ASP A 354 -19.22 -11.70 18.69
C ASP A 354 -19.26 -13.02 17.92
N GLU A 355 -20.26 -13.84 18.26
CA GLU A 355 -20.52 -15.07 17.53
C GLU A 355 -21.19 -14.74 16.21
N ILE A 356 -20.80 -15.48 15.17
CA ILE A 356 -21.37 -15.35 13.83
C ILE A 356 -22.09 -16.65 13.49
N THR A 357 -23.32 -16.50 12.97
CA THR A 357 -24.15 -17.63 12.54
C THR A 357 -24.38 -17.54 11.04
N VAL A 358 -23.45 -18.12 10.28
CA VAL A 358 -23.54 -18.24 8.83
C VAL A 358 -22.98 -19.58 8.39
N GLY A 359 -23.45 -20.08 7.25
CA GLY A 359 -22.99 -21.36 6.69
C GLY A 359 -21.90 -21.12 5.66
N GLN A 360 -22.22 -21.43 4.40
CA GLN A 360 -21.30 -21.22 3.27
C GLN A 360 -21.08 -19.74 2.94
N GLU A 361 -21.97 -18.88 3.42
CA GLU A 361 -21.88 -17.42 3.19
C GLU A 361 -20.68 -16.76 3.88
N LEU A 362 -20.04 -17.46 4.81
CA LEU A 362 -18.73 -17.06 5.33
C LEU A 362 -17.72 -16.89 4.19
N TYR A 363 -17.71 -17.84 3.26
CA TYR A 363 -16.79 -17.83 2.13
C TYR A 363 -17.38 -17.20 0.86
N ASP A 364 -18.67 -17.43 0.62
CA ASP A 364 -19.30 -17.10 -0.67
C ASP A 364 -20.11 -15.81 -0.66
N ASP A 365 -19.86 -14.96 -1.67
CA ASP A 365 -20.75 -13.86 -2.02
C ASP A 365 -20.78 -13.72 -3.55
N GLU A 366 -21.43 -12.68 -4.06
CA GLU A 366 -21.53 -12.49 -5.52
C GLU A 366 -20.18 -12.30 -6.23
N GLU A 367 -19.20 -11.74 -5.54
CA GLU A 367 -17.88 -11.48 -6.11
C GLU A 367 -16.91 -12.66 -6.01
N SER A 368 -17.18 -13.63 -5.14
CA SER A 368 -16.32 -14.80 -4.97
C SER A 368 -16.54 -15.83 -6.08
N SER A 369 -15.51 -16.61 -6.39
CA SER A 369 -15.61 -17.70 -7.38
C SER A 369 -14.74 -18.96 -7.15
N THR A 370 -13.79 -18.91 -6.21
CA THR A 370 -12.85 -20.04 -6.01
C THR A 370 -13.32 -21.07 -4.97
N THR A 371 -14.62 -21.04 -4.64
CA THR A 371 -15.27 -22.12 -3.91
C THR A 371 -16.54 -22.53 -4.67
N SER B 19 7.71 0.52 36.11
CA SER B 19 8.88 -0.05 35.36
C SER B 19 9.57 1.00 34.48
N HIS B 20 10.73 0.62 33.94
CA HIS B 20 11.54 1.45 33.03
C HIS B 20 10.73 2.17 31.95
N MET B 21 9.91 1.42 31.23
CA MET B 21 9.21 1.92 30.04
C MET B 21 8.14 2.97 30.36
N ARG B 22 7.43 2.78 31.48
CA ARG B 22 6.44 3.75 31.96
C ARG B 22 7.05 5.13 32.24
N GLU B 23 8.21 5.12 32.88
CA GLU B 23 8.96 6.35 33.19
C GLU B 23 9.38 7.10 31.91
N ILE B 24 9.78 6.35 30.88
CA ILE B 24 10.17 6.96 29.60
C ILE B 24 8.96 7.60 28.93
N ILE B 25 7.88 6.83 28.79
CA ILE B 25 6.65 7.30 28.14
C ILE B 25 6.10 8.55 28.86
N GLU B 26 6.10 8.50 30.20
CA GLU B 26 5.69 9.64 31.02
C GLU B 26 6.54 10.87 30.74
N ARG B 27 7.86 10.69 30.63
CA ARG B 27 8.78 11.79 30.32
C ARG B 27 8.57 12.37 28.92
N VAL B 28 8.25 11.52 27.95
CA VAL B 28 7.99 11.97 26.58
C VAL B 28 6.70 12.80 26.49
N LYS B 29 5.64 12.36 27.20
CA LYS B 29 4.36 13.10 27.23
C LYS B 29 4.48 14.53 27.79
N GLU B 30 5.46 14.78 28.65
CA GLU B 30 5.75 16.13 29.15
C GLU B 30 6.26 17.09 28.06
N LYS B 31 6.85 16.54 27.00
CA LYS B 31 7.53 17.33 25.95
C LYS B 31 6.73 17.52 24.66
N THR B 32 5.71 16.70 24.42
CA THR B 32 4.93 16.78 23.18
C THR B 32 3.47 16.39 23.39
N THR B 33 2.58 16.98 22.59
CA THR B 33 1.17 16.60 22.55
C THR B 33 0.89 15.49 21.52
N ILE B 34 1.90 15.07 20.77
CA ILE B 34 1.75 14.00 19.78
C ILE B 34 1.61 12.69 20.55
N PRO B 35 0.64 11.82 20.16
CA PRO B 35 0.44 10.58 20.93
C PRO B 35 1.69 9.72 21.07
N VAL B 36 1.89 9.13 22.24
CA VAL B 36 3.07 8.31 22.54
C VAL B 36 2.59 6.95 23.04
N TYR B 37 3.16 5.89 22.47
CA TYR B 37 2.91 4.52 22.92
C TYR B 37 4.26 3.86 23.21
N GLU B 38 4.23 2.67 23.78
CA GLU B 38 5.44 1.86 23.97
C GLU B 38 6.13 1.59 22.62
N ARG B 39 5.33 1.34 21.58
CA ARG B 39 5.85 1.09 20.24
C ARG B 39 6.63 2.29 19.67
N THR B 40 6.20 3.50 20.00
CA THR B 40 6.96 4.73 19.68
C THR B 40 8.40 4.64 20.19
N ILE B 41 8.54 4.22 21.45
CA ILE B 41 9.85 4.13 22.09
C ILE B 41 10.68 2.98 21.48
N GLU B 42 10.03 1.85 21.22
CA GLU B 42 10.66 0.72 20.51
C GLU B 42 11.23 1.10 19.15
N ASN B 43 10.43 1.83 18.37
CA ASN B 43 10.83 2.27 17.02
C ASN B 43 12.08 3.15 17.05
N VAL B 44 12.13 4.09 18.00
CA VAL B 44 13.28 4.97 18.17
C VAL B 44 14.51 4.20 18.66
N LEU B 45 14.31 3.32 19.65
CA LEU B 45 15.41 2.48 20.18
C LEU B 45 15.95 1.50 19.14
N SER B 46 15.07 0.94 18.31
CA SER B 46 15.46 0.10 17.18
C SER B 46 16.30 0.89 16.17
N ALA B 47 15.88 2.13 15.89
CA ALA B 47 16.59 3.01 14.96
C ALA B 47 17.97 3.43 15.49
N ILE B 48 18.05 3.71 16.79
CA ILE B 48 19.32 4.09 17.43
C ILE B 48 20.36 2.97 17.34
N GLN B 49 19.93 1.72 17.52
CA GLN B 49 20.83 0.56 17.38
C GLN B 49 21.35 0.39 15.95
N ALA B 50 20.60 0.86 14.96
CA ALA B 50 21.03 0.87 13.55
C ALA B 50 21.89 2.07 13.17
N SER B 51 21.67 3.23 13.81
CA SER B 51 22.36 4.46 13.44
C SER B 51 22.37 5.53 14.53
N GLY B 52 23.45 6.30 14.57
CA GLY B 52 23.57 7.44 15.47
C GLY B 52 23.18 8.79 14.88
N ASP B 53 23.00 8.84 13.56
CA ASP B 53 22.58 10.06 12.87
C ASP B 53 21.12 10.37 13.19
N VAL B 54 20.86 11.58 13.69
CA VAL B 54 19.51 11.97 14.14
C VAL B 54 18.49 12.02 12.98
N TRP B 55 18.94 12.39 11.79
CA TRP B 55 18.08 12.36 10.59
C TRP B 55 17.71 10.92 10.24
N ARG B 56 18.68 10.01 10.37
CA ARG B 56 18.48 8.59 10.09
C ARG B 56 17.64 7.89 11.16
N ILE B 57 17.73 8.35 12.40
CA ILE B 57 16.88 7.83 13.47
C ILE B 57 15.40 8.16 13.19
N VAL B 58 15.13 9.36 12.68
CA VAL B 58 13.78 9.73 12.26
C VAL B 58 13.33 8.83 11.10
N ASP B 59 14.21 8.68 10.11
CA ASP B 59 13.99 7.81 8.95
C ASP B 59 13.62 6.38 9.35
N LEU B 60 14.53 5.71 10.06
CA LEU B 60 14.39 4.29 10.38
C LEU B 60 13.31 3.99 11.43
N SER B 61 13.04 4.92 12.33
CA SER B 61 11.96 4.76 13.32
C SER B 61 10.56 4.88 12.69
N GLU B 62 10.46 5.60 11.57
CA GLU B 62 9.18 5.93 10.93
C GLU B 62 8.21 6.62 11.89
N GLU B 63 8.77 7.50 12.74
CA GLU B 63 8.01 8.33 13.66
C GLU B 63 8.24 9.78 13.26
N PRO B 64 7.26 10.68 13.54
CA PRO B 64 7.45 12.08 13.16
C PRO B 64 8.57 12.76 13.93
N LEU B 65 9.31 13.64 13.26
CA LEU B 65 10.53 14.23 13.80
C LEU B 65 10.39 14.86 15.20
N PRO B 66 9.33 15.68 15.44
CA PRO B 66 9.13 16.23 16.78
C PRO B 66 8.93 15.19 17.88
N LEU B 67 8.24 14.10 17.54
CA LEU B 67 8.07 12.98 18.47
C LEU B 67 9.39 12.24 18.71
N VAL B 68 10.18 12.06 17.66
CA VAL B 68 11.50 11.42 17.78
C VAL B 68 12.42 12.24 18.69
N VAL B 69 12.41 13.56 18.50
CA VAL B 69 13.19 14.49 19.34
C VAL B 69 12.81 14.36 20.83
N ALA B 70 11.50 14.32 21.10
CA ALA B 70 10.99 14.16 22.47
C ALA B 70 11.43 12.84 23.10
N VAL B 71 11.42 11.75 22.31
CA VAL B 71 11.85 10.43 22.77
C VAL B 71 13.36 10.42 23.03
N VAL B 72 14.15 10.97 22.09
CA VAL B 72 15.60 11.03 22.24
C VAL B 72 16.00 11.89 23.45
N THR B 73 15.32 13.02 23.64
CA THR B 73 15.54 13.89 24.79
C THR B 73 15.22 13.17 26.11
N ALA B 74 14.09 12.46 26.14
CA ALA B 74 13.70 11.66 27.31
C ALA B 74 14.71 10.56 27.65
N LEU B 75 15.16 9.83 26.62
CA LEU B 75 16.19 8.79 26.81
C LEU B 75 17.53 9.37 27.25
N TYR B 76 17.87 10.56 26.74
CA TYR B 76 19.07 11.28 27.13
C TYR B 76 19.02 11.72 28.60
N GLU B 77 17.88 12.27 29.01
CA GLU B 77 17.69 12.70 30.41
C GLU B 77 17.71 11.56 31.42
N LEU B 78 17.14 10.41 31.04
CA LEU B 78 17.11 9.23 31.93
C LEU B 78 18.35 8.32 31.81
N GLY B 79 19.34 8.72 31.00
CA GLY B 79 20.63 8.04 30.93
C GLY B 79 20.67 6.79 30.07
N TYR B 80 19.75 6.67 29.11
CA TYR B 80 19.71 5.52 28.20
C TYR B 80 20.51 5.74 26.90
N VAL B 81 20.73 7.01 26.54
CA VAL B 81 21.58 7.35 25.40
C VAL B 81 22.56 8.47 25.74
N ALA B 82 23.65 8.53 24.99
CA ALA B 82 24.65 9.59 25.09
C ALA B 82 24.91 10.15 23.70
N PHE B 83 25.40 11.38 23.65
CA PHE B 83 25.84 12.00 22.39
C PHE B 83 27.36 12.01 22.35
N GLU B 84 27.93 11.47 21.27
CA GLU B 84 29.39 11.41 21.07
C GLU B 84 29.70 11.62 19.59
N ASN B 85 30.58 12.58 19.28
CA ASN B 85 30.86 13.00 17.89
C ASN B 85 29.58 13.34 17.11
N ASN B 86 28.62 13.99 17.77
CA ASN B 86 27.31 14.31 17.19
C ASN B 86 26.49 13.08 16.75
N GLN B 87 26.67 11.96 17.47
CA GLN B 87 25.97 10.70 17.19
C GLN B 87 25.29 10.22 18.46
N VAL B 88 24.03 9.78 18.34
CA VAL B 88 23.28 9.23 19.46
C VAL B 88 23.61 7.75 19.59
N ILE B 89 24.12 7.35 20.76
CA ILE B 89 24.51 5.96 21.01
C ILE B 89 23.94 5.47 22.34
N LEU B 90 23.67 4.16 22.42
CA LEU B 90 23.18 3.56 23.66
C LEU B 90 24.28 3.56 24.71
N THR B 91 23.91 3.97 25.93
CA THR B 91 24.79 3.81 27.09
C THR B 91 24.72 2.36 27.56
N ARG B 92 25.50 2.03 28.58
CA ARG B 92 25.41 0.73 29.25
C ARG B 92 23.97 0.46 29.74
N LYS B 93 23.37 1.47 30.37
CA LYS B 93 21.97 1.38 30.84
C LYS B 93 20.98 1.24 29.68
N GLY B 94 21.27 1.89 28.56
CA GLY B 94 20.50 1.72 27.32
C GLY B 94 20.55 0.31 26.74
N LYS B 95 21.74 -0.29 26.76
CA LYS B 95 21.90 -1.69 26.31
C LYS B 95 21.18 -2.68 27.22
N GLU B 96 21.12 -2.40 28.52
CA GLU B 96 20.31 -3.18 29.46
C GLU B 96 18.82 -3.07 29.17
N LEU B 97 18.36 -1.85 28.85
CA LEU B 97 16.95 -1.59 28.51
C LEU B 97 16.49 -2.38 27.29
N VAL B 98 17.24 -2.28 26.19
CA VAL B 98 16.87 -2.98 24.94
C VAL B 98 16.94 -4.51 25.06
N GLU B 99 17.91 -5.01 25.83
CA GLU B 99 17.98 -6.45 26.15
C GLU B 99 16.78 -6.88 27.01
N LYS B 100 16.46 -6.09 28.03
CA LYS B 100 15.31 -6.36 28.93
C LYS B 100 13.98 -6.45 28.17
N TYR B 101 13.75 -5.52 27.25
CA TYR B 101 12.50 -5.47 26.46
C TYR B 101 12.58 -6.17 25.09
N GLY B 102 13.72 -6.79 24.77
CA GLY B 102 13.89 -7.55 23.53
C GLY B 102 13.75 -6.71 22.28
N ILE B 103 14.37 -5.54 22.29
CA ILE B 103 14.29 -4.58 21.19
C ILE B 103 15.58 -4.67 20.37
N GLY B 104 15.53 -5.40 19.26
CA GLY B 104 16.68 -5.56 18.37
C GLY B 104 16.77 -4.40 17.39
N PRO B 105 17.93 -4.26 16.71
CA PRO B 105 18.02 -3.27 15.63
C PRO B 105 17.12 -3.65 14.46
N ARG B 106 16.53 -2.65 13.82
CA ARG B 106 15.56 -2.86 12.76
C ARG B 106 16.26 -3.33 11.49
N ALA B 107 16.04 -4.59 11.12
CA ALA B 107 16.58 -5.16 9.88
C ALA B 107 15.85 -4.59 8.67
N ASP B 108 16.52 -4.59 7.53
CA ASP B 108 15.96 -4.05 6.29
C ASP B 108 16.26 -5.00 5.13
N TYR B 109 15.20 -5.45 4.44
CA TYR B 109 15.33 -6.32 3.29
C TYR B 109 14.75 -5.68 2.03
N THR B 110 14.75 -4.34 1.99
CA THR B 110 14.25 -3.59 0.84
C THR B 110 14.96 -4.03 -0.44
N CYS B 111 14.18 -4.26 -1.49
CA CYS B 111 14.72 -4.74 -2.77
C CYS B 111 15.69 -3.72 -3.37
N SER B 112 16.91 -4.18 -3.66
CA SER B 112 17.99 -3.30 -4.10
C SER B 112 17.85 -2.81 -5.55
N HIS B 113 17.11 -3.55 -6.39
CA HIS B 113 16.90 -3.14 -7.79
C HIS B 113 15.87 -2.02 -7.90
N CYS B 114 14.69 -2.22 -7.31
CA CYS B 114 13.60 -1.24 -7.39
C CYS B 114 13.55 -0.24 -6.22
N GLN B 115 14.46 -0.35 -5.25
CA GLN B 115 14.46 0.49 -4.03
C GLN B 115 13.15 0.37 -3.21
N GLY B 116 12.47 -0.78 -3.32
CA GLY B 116 11.16 -0.97 -2.70
C GLY B 116 9.97 -0.33 -3.41
N ARG B 117 10.18 0.27 -4.58
CA ARG B 117 9.11 0.96 -5.31
C ARG B 117 8.06 0.03 -5.96
N THR B 118 8.38 -1.26 -6.08
CA THR B 118 7.57 -2.29 -6.79
C THR B 118 7.71 -2.27 -8.31
N VAL B 119 8.28 -1.19 -8.86
CA VAL B 119 8.41 -1.02 -10.30
C VAL B 119 9.87 -0.73 -10.65
N GLU B 120 10.33 -1.32 -11.76
CA GLU B 120 11.67 -1.08 -12.28
C GLU B 120 11.57 -0.11 -13.46
N ILE B 121 12.60 0.71 -13.61
CA ILE B 121 12.62 1.78 -14.62
C ILE B 121 13.65 1.48 -15.73
N ASP B 122 13.82 0.20 -16.05
CA ASP B 122 14.77 -0.24 -17.08
C ASP B 122 14.32 0.18 -18.47
N ALA B 123 13.01 0.19 -18.71
CA ALA B 123 12.42 0.62 -19.97
C ALA B 123 12.39 2.15 -20.18
N PHE B 124 12.62 2.93 -19.13
CA PHE B 124 12.57 4.40 -19.18
C PHE B 124 13.96 5.06 -19.05
N SER B 125 14.98 4.43 -19.62
CA SER B 125 16.35 4.98 -19.57
C SER B 125 16.51 6.24 -20.42
N GLU B 126 15.89 6.27 -21.60
CA GLU B 126 15.89 7.47 -22.45
C GLU B 126 15.13 8.63 -21.81
N LEU B 127 13.98 8.32 -21.21
CA LEU B 127 13.17 9.32 -20.49
C LEU B 127 13.93 9.97 -19.34
N LEU B 128 14.61 9.14 -18.54
CA LEU B 128 15.43 9.61 -17.42
C LEU B 128 16.54 10.56 -17.88
N GLU B 129 17.24 10.15 -18.93
CA GLU B 129 18.33 10.95 -19.54
C GLU B 129 17.81 12.31 -20.00
N GLN B 130 16.73 12.30 -20.77
CA GLN B 130 16.08 13.54 -21.24
C GLN B 130 15.60 14.41 -20.08
N PHE B 131 14.98 13.77 -19.08
CA PHE B 131 14.47 14.49 -17.90
C PHE B 131 15.57 15.22 -17.14
N LYS B 132 16.68 14.53 -16.88
CA LYS B 132 17.82 15.13 -16.16
C LYS B 132 18.39 16.37 -16.86
N GLU B 133 18.48 16.32 -18.19
CA GLU B 133 19.06 17.42 -18.96
C GLU B 133 18.14 18.65 -19.01
N ILE B 134 16.86 18.43 -19.27
CA ILE B 134 15.88 19.53 -19.33
C ILE B 134 15.59 20.18 -17.97
N THR B 135 15.78 19.43 -16.88
CA THR B 135 15.61 19.93 -15.51
C THR B 135 16.93 20.33 -14.81
N ARG B 136 18.02 20.45 -15.58
CA ARG B 136 19.34 20.84 -15.03
CA ARG B 136 19.34 20.85 -15.06
C ARG B 136 19.28 22.12 -14.19
N ASP B 137 18.55 23.12 -14.67
CA ASP B 137 18.40 24.40 -13.95
C ASP B 137 16.97 24.62 -13.46
N ARG B 138 16.42 23.58 -12.84
CA ARG B 138 15.08 23.64 -12.24
C ARG B 138 15.05 24.64 -11.08
N PRO B 139 13.88 25.27 -10.82
CA PRO B 139 13.83 26.19 -9.67
C PRO B 139 14.12 25.48 -8.36
N GLU B 140 15.01 26.06 -7.55
CA GLU B 140 15.35 25.47 -6.25
C GLU B 140 14.18 25.62 -5.27
N PRO B 141 14.06 24.70 -4.29
CA PRO B 141 12.93 24.72 -3.35
C PRO B 141 12.77 26.03 -2.58
N ALA B 142 11.56 26.61 -2.62
CA ALA B 142 11.21 27.77 -1.82
C ALA B 142 10.62 27.35 -0.47
N HIS B 143 11.14 27.94 0.60
CA HIS B 143 10.67 27.72 1.98
C HIS B 143 9.18 28.06 2.12
N GLN B 144 8.80 29.23 1.62
CA GLN B 144 7.42 29.74 1.73
C GLN B 144 6.34 28.78 1.20
N PHE B 145 6.66 28.00 0.16
CA PHE B 145 5.72 27.06 -0.45
C PHE B 145 5.99 25.58 -0.10
N ASP B 146 6.75 25.31 0.96
CA ASP B 146 6.93 23.94 1.48
C ASP B 146 7.53 22.99 0.42
N GLN B 147 8.41 23.51 -0.43
CA GLN B 147 8.89 22.77 -1.59
C GLN B 147 10.06 21.85 -1.25
N ALA B 148 10.14 20.74 -1.99
CA ALA B 148 11.30 19.86 -2.03
C ALA B 148 11.03 18.83 -3.13
N TYR B 149 11.82 18.88 -4.19
CA TYR B 149 11.59 18.01 -5.34
C TYR B 149 12.17 16.61 -5.12
N VAL B 150 11.48 15.60 -5.66
CA VAL B 150 11.96 14.22 -5.61
C VAL B 150 13.11 14.00 -6.60
N THR B 151 13.82 12.88 -6.43
CA THR B 151 14.93 12.56 -7.33
C THR B 151 14.41 12.30 -8.76
N PRO B 152 15.28 12.50 -9.78
CA PRO B 152 14.92 12.13 -11.16
C PRO B 152 14.41 10.69 -11.30
N GLU B 153 15.02 9.77 -10.54
CA GLU B 153 14.64 8.36 -10.56
C GLU B 153 13.23 8.12 -9.97
N THR B 154 12.89 8.91 -8.95
CA THR B 154 11.54 8.89 -8.38
C THR B 154 10.50 9.33 -9.41
N THR B 155 10.75 10.48 -10.04
CA THR B 155 9.85 11.02 -11.07
C THR B 155 9.56 10.02 -12.20
N VAL B 156 10.60 9.33 -12.67
CA VAL B 156 10.47 8.30 -13.70
C VAL B 156 9.72 7.08 -13.17
N ALA B 157 9.98 6.71 -11.92
CA ALA B 157 9.23 5.63 -11.26
C ALA B 157 7.74 5.94 -11.13
N ARG B 158 7.40 7.21 -10.86
CA ARG B 158 6.00 7.65 -10.82
C ARG B 158 5.31 7.42 -12.17
N VAL B 159 5.97 7.77 -13.26
CA VAL B 159 5.44 7.56 -14.62
C VAL B 159 5.22 6.07 -14.88
N ALA B 160 6.23 5.26 -14.56
CA ALA B 160 6.16 3.81 -14.69
C ALA B 160 4.99 3.21 -13.90
N LEU B 161 4.86 3.62 -12.64
CA LEU B 161 3.77 3.17 -11.77
C LEU B 161 2.40 3.55 -12.34
N MET B 162 2.23 4.83 -12.66
CA MET B 162 0.96 5.35 -13.20
C MET B 162 0.59 4.66 -14.51
N HIS B 163 1.58 4.47 -15.39
CA HIS B 163 1.36 3.80 -16.67
C HIS B 163 1.02 2.31 -16.51
N SER B 164 1.63 1.65 -15.52
CA SER B 164 1.36 0.23 -15.24
C SER B 164 -0.05 -0.04 -14.70
N ARG B 165 -0.70 0.99 -14.14
CA ARG B 165 -2.09 0.89 -13.69
C ARG B 165 -3.10 1.41 -14.73
N GLY B 166 -2.63 1.72 -15.94
CA GLY B 166 -3.49 2.19 -17.03
C GLY B 166 -4.04 3.58 -16.85
N ASP B 167 -3.28 4.46 -16.21
CA ASP B 167 -3.75 5.81 -15.85
C ASP B 167 -3.11 6.97 -16.61
N LEU B 168 -2.25 6.68 -17.60
CA LEU B 168 -1.59 7.73 -18.40
C LEU B 168 -1.91 7.72 -19.90
N GLU B 169 -1.87 6.55 -20.53
CA GLU B 169 -2.00 6.46 -22.00
C GLU B 169 -3.35 6.93 -22.51
N ASN B 170 -3.34 8.01 -23.30
CA ASN B 170 -4.54 8.69 -23.81
C ASN B 170 -5.45 9.23 -22.70
N LYS B 171 -4.85 9.58 -21.56
CA LYS B 171 -5.60 10.08 -20.41
C LYS B 171 -5.36 11.58 -20.21
N GLU B 172 -6.35 12.23 -19.61
CA GLU B 172 -6.30 13.65 -19.29
C GLU B 172 -5.84 13.75 -17.83
N VAL B 173 -4.60 14.20 -17.64
CA VAL B 173 -3.91 14.13 -16.35
C VAL B 173 -3.78 15.52 -15.73
N PHE B 174 -4.14 15.63 -14.44
CA PHE B 174 -4.05 16.90 -13.70
C PHE B 174 -2.92 16.83 -12.67
N VAL B 175 -2.06 17.84 -12.66
CA VAL B 175 -0.95 17.91 -11.71
C VAL B 175 -1.16 19.12 -10.80
N LEU B 176 -1.53 18.85 -9.53
CA LEU B 176 -1.80 19.92 -8.57
C LEU B 176 -0.54 20.20 -7.76
N GLY B 177 0.21 21.24 -8.16
CA GLY B 177 1.53 21.52 -7.61
C GLY B 177 2.56 20.64 -8.29
N ASP B 178 3.68 21.22 -8.72
CA ASP B 178 4.66 20.45 -9.50
C ASP B 178 6.11 20.92 -9.40
N ASP B 179 6.61 21.07 -8.16
CA ASP B 179 8.06 21.23 -7.95
C ASP B 179 8.85 19.98 -8.37
N ASP B 180 8.21 18.82 -8.30
CA ASP B 180 8.79 17.55 -8.78
C ASP B 180 8.96 17.49 -10.31
N LEU B 181 8.23 18.35 -11.03
CA LEU B 181 8.25 18.41 -12.49
C LEU B 181 7.78 17.09 -13.13
N THR B 182 6.74 16.49 -12.54
CA THR B 182 6.10 15.30 -13.11
C THR B 182 5.49 15.61 -14.49
N SER B 183 4.92 16.81 -14.64
CA SER B 183 4.34 17.25 -15.93
C SER B 183 5.38 17.27 -17.06
N VAL B 184 6.63 17.63 -16.74
CA VAL B 184 7.72 17.63 -17.72
C VAL B 184 8.05 16.19 -18.14
N ALA B 185 8.16 15.30 -17.17
CA ALA B 185 8.34 13.87 -17.43
C ALA B 185 7.16 13.26 -18.21
N LEU B 186 5.94 13.71 -17.91
CA LEU B 186 4.74 13.28 -18.65
C LEU B 186 4.72 13.76 -20.10
N MET B 187 5.19 14.99 -20.34
CA MET B 187 5.34 15.51 -21.72
C MET B 187 6.33 14.68 -22.53
N LEU B 188 7.47 14.35 -21.92
CA LEU B 188 8.51 13.55 -22.57
C LEU B 188 8.09 12.10 -22.84
N SER B 189 7.21 11.57 -21.97
CA SER B 189 6.69 10.21 -22.14
C SER B 189 5.81 10.07 -23.39
N GLY B 190 5.08 11.14 -23.72
CA GLY B 190 4.14 11.13 -24.85
C GLY B 190 2.87 10.33 -24.62
N LEU B 191 2.59 9.96 -23.37
CA LEU B 191 1.44 9.10 -23.06
C LEU B 191 0.10 9.83 -22.91
N PRO B 192 0.05 10.97 -22.17
CA PRO B 192 -1.25 11.63 -21.98
C PRO B 192 -1.89 12.19 -23.26
N LYS B 193 -3.22 12.24 -23.27
CA LYS B 193 -3.96 13.00 -24.29
C LYS B 193 -3.73 14.49 -24.04
N ARG B 194 -3.86 14.90 -22.79
CA ARG B 194 -3.49 16.26 -22.38
C ARG B 194 -3.09 16.32 -20.90
N ILE B 195 -2.40 17.41 -20.56
CA ILE B 195 -1.90 17.64 -19.20
C ILE B 195 -2.40 19.00 -18.72
N ALA B 196 -2.87 19.05 -17.49
CA ALA B 196 -3.17 20.31 -16.82
C ALA B 196 -2.29 20.38 -15.58
N VAL B 197 -1.63 21.52 -15.38
CA VAL B 197 -0.75 21.70 -14.21
C VAL B 197 -0.94 23.07 -13.60
N LEU B 198 -1.00 23.12 -12.26
CA LEU B 198 -1.06 24.38 -11.53
C LEU B 198 -0.04 24.41 -10.42
N ASP B 199 0.31 25.62 -10.00
CA ASP B 199 1.19 25.84 -8.86
C ASP B 199 1.07 27.29 -8.39
N ILE B 200 1.21 27.50 -7.09
CA ILE B 200 1.26 28.85 -6.52
C ILE B 200 2.54 29.61 -6.92
N ASP B 201 3.62 28.86 -7.17
CA ASP B 201 4.92 29.44 -7.52
C ASP B 201 4.99 29.80 -9.01
N GLU B 202 5.16 31.09 -9.30
CA GLU B 202 5.38 31.61 -10.68
C GLU B 202 6.57 30.97 -11.39
N ARG B 203 7.63 30.69 -10.64
CA ARG B 203 8.86 30.11 -11.20
C ARG B 203 8.62 28.77 -11.89
N LEU B 204 7.78 27.92 -11.29
CA LEU B 204 7.49 26.59 -11.83
C LEU B 204 6.60 26.63 -13.07
N THR B 205 5.57 27.48 -13.05
CA THR B 205 4.67 27.63 -14.21
C THR B 205 5.41 28.20 -15.43
N LYS B 206 6.32 29.15 -15.20
CA LYS B 206 7.18 29.67 -16.27
C LYS B 206 8.17 28.62 -16.79
N PHE B 207 8.78 27.86 -15.88
CA PHE B 207 9.73 26.81 -16.24
C PHE B 207 9.07 25.68 -17.05
N ILE B 208 7.88 25.26 -16.63
CA ILE B 208 7.12 24.21 -17.34
C ILE B 208 6.65 24.71 -18.71
N GLU B 209 6.24 25.97 -18.79
CA GLU B 209 5.86 26.62 -20.05
C GLU B 209 7.05 26.68 -21.03
N LYS B 210 8.21 27.08 -20.51
CA LYS B 210 9.48 27.07 -21.25
C LYS B 210 9.81 25.65 -21.75
N ALA B 211 9.69 24.66 -20.87
CA ALA B 211 9.96 23.26 -21.21
C ALA B 211 9.02 22.73 -22.30
N ALA B 212 7.74 23.06 -22.20
CA ALA B 212 6.74 22.69 -23.20
C ALA B 212 7.03 23.32 -24.57
N ASP B 213 7.46 24.59 -24.56
CA ASP B 213 7.82 25.29 -25.79
CA ASP B 213 7.83 25.32 -25.78
C ASP B 213 9.05 24.68 -26.45
N GLU B 214 10.03 24.29 -25.64
CA GLU B 214 11.26 23.62 -26.15
C GLU B 214 10.96 22.24 -26.74
N ILE B 215 10.15 21.46 -26.03
CA ILE B 215 9.70 20.14 -26.51
C ILE B 215 8.75 20.27 -27.72
N GLY B 216 7.96 21.35 -27.74
CA GLY B 216 6.94 21.57 -28.76
C GLY B 216 5.64 20.84 -28.40
N TYR B 217 5.34 20.81 -27.10
CA TYR B 217 4.20 20.07 -26.58
C TYR B 217 2.97 20.97 -26.58
N GLU B 218 1.97 20.62 -27.39
CA GLU B 218 0.78 21.44 -27.59
C GLU B 218 -0.25 21.30 -26.47
N ASN B 219 -0.55 20.07 -26.08
CA ASN B 219 -1.71 19.78 -25.22
C ASN B 219 -1.42 19.89 -23.71
N ILE B 220 -0.90 21.04 -23.29
CA ILE B 220 -0.67 21.32 -21.87
C ILE B 220 -1.24 22.69 -21.49
N GLU B 221 -2.02 22.71 -20.40
CA GLU B 221 -2.56 23.95 -19.83
C GLU B 221 -1.86 24.23 -18.52
N ILE B 222 -1.20 25.39 -18.43
CA ILE B 222 -0.39 25.77 -17.27
C ILE B 222 -0.95 27.08 -16.70
N PHE B 223 -1.18 27.13 -15.39
CA PHE B 223 -1.68 28.35 -14.76
C PHE B 223 -1.30 28.45 -13.28
N THR B 224 -1.12 29.67 -12.81
CA THR B 224 -0.83 29.92 -11.39
C THR B 224 -2.12 29.90 -10.60
N PHE B 225 -2.08 29.29 -9.42
CA PHE B 225 -3.28 29.14 -8.59
C PHE B 225 -2.92 28.85 -7.13
N ASP B 226 -3.73 29.37 -6.22
CA ASP B 226 -3.63 29.06 -4.79
C ASP B 226 -4.74 28.08 -4.44
N LEU B 227 -4.36 26.87 -4.02
CA LEU B 227 -5.31 25.80 -3.67
C LEU B 227 -6.12 26.07 -2.39
N ARG B 228 -5.83 27.17 -1.69
CA ARG B 228 -6.75 27.75 -0.71
C ARG B 228 -8.12 28.10 -1.33
N LYS B 229 -8.11 28.54 -2.59
CA LYS B 229 -9.35 28.84 -3.33
C LYS B 229 -9.97 27.57 -3.95
N PRO B 230 -11.31 27.57 -4.14
CA PRO B 230 -11.95 26.49 -4.92
C PRO B 230 -11.56 26.53 -6.40
N LEU B 231 -11.35 25.36 -6.99
CA LEU B 231 -10.95 25.26 -8.40
C LEU B 231 -12.06 25.77 -9.33
N PRO B 232 -11.68 26.44 -10.44
CA PRO B 232 -12.69 26.86 -11.43
C PRO B 232 -13.25 25.67 -12.23
N ASP B 233 -14.36 25.89 -12.93
CA ASP B 233 -15.10 24.82 -13.59
C ASP B 233 -14.29 24.03 -14.63
N TYR B 234 -13.38 24.70 -15.33
CA TYR B 234 -12.53 24.02 -16.33
C TYR B 234 -11.58 22.98 -15.72
N ALA B 235 -11.25 23.12 -14.44
CA ALA B 235 -10.46 22.12 -13.71
C ALA B 235 -11.29 20.99 -13.07
N LEU B 236 -12.60 21.19 -12.91
CA LEU B 236 -13.47 20.23 -12.22
C LEU B 236 -14.12 19.22 -13.17
N HIS B 237 -14.21 17.97 -12.70
CA HIS B 237 -15.00 16.91 -13.35
C HIS B 237 -14.63 16.59 -14.81
N LYS B 238 -13.37 16.82 -15.18
CA LYS B 238 -12.94 16.71 -16.60
C LYS B 238 -11.66 15.89 -16.84
N PHE B 239 -11.12 15.23 -15.81
CA PHE B 239 -9.82 14.56 -15.92
C PHE B 239 -9.91 13.10 -15.48
N ASP B 240 -8.98 12.28 -15.98
CA ASP B 240 -8.95 10.84 -15.71
C ASP B 240 -8.07 10.49 -14.53
N THR B 241 -6.97 11.23 -14.37
CA THR B 241 -5.97 10.97 -13.34
C THR B 241 -5.46 12.28 -12.77
N PHE B 242 -5.19 12.30 -11.47
CA PHE B 242 -4.48 13.43 -10.86
C PHE B 242 -3.27 12.95 -10.08
N ILE B 243 -2.28 13.82 -9.97
CA ILE B 243 -1.14 13.60 -9.09
C ILE B 243 -0.82 14.88 -8.33
N THR B 244 -0.52 14.74 -7.05
CA THR B 244 -0.17 15.86 -6.18
C THR B 244 0.74 15.33 -5.09
N ASP B 245 1.55 16.19 -4.50
CA ASP B 245 2.45 15.77 -3.42
C ASP B 245 2.36 16.80 -2.29
N PRO B 246 1.33 16.66 -1.43
CA PRO B 246 0.82 17.78 -0.65
C PRO B 246 1.50 17.99 0.70
N PRO B 247 1.22 19.14 1.34
CA PRO B 247 1.50 19.26 2.78
C PRO B 247 0.60 18.31 3.55
N GLU B 248 0.94 18.03 4.81
CA GLU B 248 0.31 16.94 5.55
C GLU B 248 -0.50 17.37 6.77
N THR B 249 -0.97 18.62 6.77
CA THR B 249 -2.04 19.03 7.65
C THR B 249 -3.33 18.46 7.04
N VAL B 250 -4.32 18.19 7.87
CA VAL B 250 -5.60 17.65 7.39
C VAL B 250 -6.28 18.64 6.44
N GLU B 251 -6.05 19.94 6.67
CA GLU B 251 -6.57 21.01 5.82
CA GLU B 251 -6.61 20.98 5.82
C GLU B 251 -5.94 20.96 4.43
N ALA B 252 -4.62 20.73 4.41
CA ALA B 252 -3.88 20.62 3.15
C ALA B 252 -4.23 19.37 2.34
N ILE B 253 -4.57 18.28 3.02
CA ILE B 253 -5.07 17.08 2.34
C ILE B 253 -6.36 17.39 1.57
N ARG B 254 -7.26 18.15 2.18
CA ARG B 254 -8.48 18.60 1.50
C ARG B 254 -8.17 19.54 0.33
N ALA B 255 -7.25 20.48 0.56
CA ALA B 255 -6.88 21.48 -0.46
C ALA B 255 -6.16 20.92 -1.69
N PHE B 256 -5.41 19.83 -1.51
CA PHE B 256 -4.60 19.24 -2.59
C PHE B 256 -5.23 17.93 -3.09
N VAL B 257 -5.37 16.96 -2.20
CA VAL B 257 -5.89 15.63 -2.56
C VAL B 257 -7.40 15.69 -2.79
N GLY B 258 -8.11 16.36 -1.88
CA GLY B 258 -9.55 16.58 -2.02
C GLY B 258 -9.92 17.28 -3.31
N ARG B 259 -9.24 18.38 -3.61
CA ARG B 259 -9.44 19.09 -4.88
C ARG B 259 -8.99 18.27 -6.10
N GLY B 260 -7.94 17.48 -5.93
CA GLY B 260 -7.52 16.51 -6.94
C GLY B 260 -8.63 15.56 -7.33
N ILE B 261 -9.33 15.02 -6.33
CA ILE B 261 -10.48 14.14 -6.56
C ILE B 261 -11.61 14.89 -7.30
N ALA B 262 -11.80 16.17 -6.98
CA ALA B 262 -12.80 17.01 -7.66
C ALA B 262 -12.51 17.25 -9.15
N THR B 263 -11.25 17.14 -9.57
CA THR B 263 -10.89 17.24 -10.98
C THR B 263 -11.33 16.04 -11.82
N LEU B 264 -11.58 14.91 -11.17
CA LEU B 264 -11.85 13.64 -11.87
C LEU B 264 -13.29 13.58 -12.39
N LYS B 265 -13.46 12.94 -13.55
CA LYS B 265 -14.75 12.87 -14.25
C LYS B 265 -15.85 12.18 -13.45
N GLY B 266 -15.48 11.10 -12.78
CA GLY B 266 -16.43 10.27 -12.03
C GLY B 266 -15.78 8.96 -11.63
N PRO B 267 -16.59 7.89 -11.44
CA PRO B 267 -16.04 6.59 -11.05
C PRO B 267 -15.02 6.03 -12.05
N GLY B 268 -14.04 5.27 -11.54
CA GLY B 268 -13.00 4.67 -12.38
C GLY B 268 -11.79 5.53 -12.70
N CYS B 269 -11.68 6.67 -12.02
CA CYS B 269 -10.57 7.61 -12.21
C CYS B 269 -9.59 7.50 -11.05
N ALA B 270 -8.33 7.86 -11.28
CA ALA B 270 -7.24 7.59 -10.34
C ALA B 270 -6.61 8.84 -9.72
N GLY B 271 -5.99 8.66 -8.56
CA GLY B 271 -5.27 9.73 -7.85
C GLY B 271 -3.98 9.20 -7.26
N TYR B 272 -2.91 9.98 -7.36
CA TYR B 272 -1.59 9.60 -6.83
C TYR B 272 -1.04 10.70 -5.92
N PHE B 273 -0.56 10.32 -4.74
CA PHE B 273 0.05 11.29 -3.82
C PHE B 273 0.94 10.64 -2.76
N GLY B 274 1.89 11.44 -2.26
CA GLY B 274 2.81 11.00 -1.22
C GLY B 274 2.30 11.34 0.18
N ILE B 275 2.55 10.43 1.13
CA ILE B 275 2.30 10.70 2.55
C ILE B 275 3.50 10.18 3.35
N THR B 276 4.13 11.06 4.13
CA THR B 276 5.31 10.71 4.92
C THR B 276 4.94 10.15 6.30
N ARG B 277 5.90 9.43 6.89
CA ARG B 277 5.92 9.14 8.33
C ARG B 277 6.83 10.15 9.08
N ARG B 278 7.49 11.01 8.32
CA ARG B 278 8.39 12.05 8.83
C ARG B 278 7.64 13.20 9.50
N GLU B 279 6.50 13.57 8.93
CA GLU B 279 5.71 14.70 9.40
C GLU B 279 4.23 14.37 9.68
N SER B 280 3.90 13.09 9.74
CA SER B 280 2.58 12.63 10.09
C SER B 280 2.69 11.34 10.90
N SER B 281 2.15 11.37 12.11
CA SER B 281 2.05 10.19 12.96
C SER B 281 1.01 9.23 12.39
N LEU B 282 1.05 7.98 12.85
CA LEU B 282 0.04 7.00 12.44
C LEU B 282 -1.37 7.36 12.94
N ASP B 283 -1.47 8.11 14.04
CA ASP B 283 -2.75 8.71 14.45
C ASP B 283 -3.31 9.66 13.39
N LYS B 284 -2.46 10.51 12.82
CA LYS B 284 -2.91 11.39 11.73
C LYS B 284 -3.18 10.61 10.43
N TRP B 285 -2.39 9.57 10.16
CA TRP B 285 -2.68 8.65 9.04
C TRP B 285 -4.11 8.11 9.12
N ARG B 286 -4.53 7.69 10.31
CA ARG B 286 -5.90 7.20 10.53
C ARG B 286 -6.95 8.27 10.20
N GLU B 287 -6.69 9.50 10.62
CA GLU B 287 -7.59 10.62 10.31
C GLU B 287 -7.55 10.98 8.81
N ILE B 288 -6.38 10.94 8.20
CA ILE B 288 -6.25 11.15 6.75
C ILE B 288 -7.01 10.05 5.98
N GLN B 289 -6.83 8.80 6.38
CA GLN B 289 -7.55 7.69 5.74
C GLN B 289 -9.07 7.74 5.95
N ARG B 290 -9.50 8.21 7.12
CA ARG B 290 -10.94 8.45 7.37
C ARG B 290 -11.50 9.56 6.48
N VAL B 291 -10.72 10.61 6.24
CA VAL B 291 -11.11 11.67 5.29
C VAL B 291 -11.28 11.10 3.88
N LEU B 292 -10.31 10.29 3.44
CA LEU B 292 -10.36 9.67 2.11
C LEU B 292 -11.56 8.73 1.95
N LEU B 293 -11.78 7.88 2.94
CA LEU B 293 -12.83 6.86 2.87
C LEU B 293 -14.24 7.38 3.16
N ASN B 294 -14.36 8.36 4.07
CA ASN B 294 -15.67 8.82 4.56
C ASN B 294 -16.12 10.15 3.97
N GLU B 295 -15.23 11.14 3.90
CA GLU B 295 -15.58 12.45 3.33
C GLU B 295 -15.56 12.43 1.80
N PHE B 296 -14.54 11.79 1.21
CA PHE B 296 -14.40 11.74 -0.25
C PHE B 296 -14.83 10.43 -0.90
N GLY B 297 -15.07 9.39 -0.10
CA GLY B 297 -15.61 8.12 -0.60
C GLY B 297 -14.76 7.42 -1.65
N VAL B 298 -13.43 7.58 -1.56
CA VAL B 298 -12.51 6.90 -2.48
C VAL B 298 -11.90 5.68 -1.81
N VAL B 299 -11.42 4.74 -2.63
CA VAL B 299 -10.74 3.54 -2.15
C VAL B 299 -9.22 3.72 -2.31
N ILE B 300 -8.46 3.19 -1.37
CA ILE B 300 -6.99 3.22 -1.43
C ILE B 300 -6.55 1.88 -2.03
N THR B 301 -5.99 1.92 -3.22
CA THR B 301 -5.58 0.71 -3.94
C THR B 301 -4.14 0.27 -3.67
N ASP B 302 -3.25 1.23 -3.37
CA ASP B 302 -1.84 0.95 -3.06
C ASP B 302 -1.31 1.93 -2.01
N ILE B 303 -0.45 1.43 -1.12
CA ILE B 303 0.32 2.25 -0.18
C ILE B 303 1.73 1.64 -0.13
N ILE B 304 2.68 2.31 -0.78
CA ILE B 304 4.02 1.76 -1.04
C ILE B 304 5.09 2.53 -0.28
N ARG B 305 5.72 1.87 0.69
CA ARG B 305 6.75 2.46 1.57
C ARG B 305 7.93 3.06 0.83
N ASN B 306 8.25 4.32 1.16
CA ASN B 306 9.43 5.02 0.66
C ASN B 306 9.56 5.01 -0.86
N PHE B 307 8.43 5.12 -1.55
CA PHE B 307 8.40 5.19 -3.01
C PHE B 307 9.10 6.47 -3.48
N ASN B 308 8.79 7.58 -2.81
CA ASN B 308 9.33 8.88 -3.16
C ASN B 308 10.56 9.18 -2.30
N GLU B 309 11.68 9.48 -2.96
CA GLU B 309 12.90 9.95 -2.30
C GLU B 309 13.08 11.42 -2.65
N TYR B 310 13.24 12.25 -1.62
CA TYR B 310 13.32 13.70 -1.78
C TYR B 310 14.77 14.20 -1.71
N VAL B 311 15.11 15.09 -2.62
CA VAL B 311 16.44 15.73 -2.63
C VAL B 311 16.46 16.75 -1.50
N ASN B 312 17.56 16.78 -0.75
CA ASN B 312 17.71 17.69 0.38
C ASN B 312 17.61 19.15 -0.06
N TRP B 313 16.97 19.96 0.78
CA TRP B 313 16.55 21.34 0.42
C TRP B 313 17.42 22.35 1.16
N GLY B 314 17.77 23.43 0.46
CA GLY B 314 18.74 24.41 0.95
C GLY B 314 18.32 25.26 2.14
N TYR B 315 17.01 25.34 2.40
CA TYR B 315 16.48 26.15 3.51
C TYR B 315 16.35 25.39 4.86
N VAL B 316 16.93 24.20 4.95
CA VAL B 316 16.89 23.35 6.15
C VAL B 316 17.12 24.06 7.49
N GLU B 317 18.12 24.94 7.54
CA GLU B 317 18.50 25.59 8.81
C GLU B 317 17.48 26.62 9.31
N GLU B 318 16.60 27.08 8.43
CA GLU B 318 15.55 28.04 8.79
C GLU B 318 14.25 27.35 9.25
N THR B 319 14.22 26.01 9.23
CA THR B 319 13.00 25.25 9.54
C THR B 319 12.92 24.84 11.01
N ARG B 320 11.71 24.44 11.42
CA ARG B 320 11.45 23.97 12.78
C ARG B 320 12.27 22.75 13.16
N ALA B 321 12.51 21.86 12.20
CA ALA B 321 13.33 20.65 12.41
C ALA B 321 14.72 20.98 12.94
N TRP B 322 15.36 21.98 12.34
CA TRP B 322 16.70 22.43 12.76
C TRP B 322 16.70 22.97 14.19
N ARG B 323 15.66 23.72 14.55
CA ARG B 323 15.51 24.25 15.91
C ARG B 323 15.26 23.15 16.95
N LEU B 324 14.45 22.17 16.60
CA LEU B 324 14.09 21.08 17.52
C LEU B 324 15.22 20.09 17.80
N LEU B 325 15.98 19.73 16.77
CA LEU B 325 16.98 18.65 16.89
C LEU B 325 18.05 18.97 17.94
N PRO B 326 18.39 17.99 18.80
CA PRO B 326 19.42 18.19 19.83
C PRO B 326 20.84 18.29 19.25
N ILE B 327 21.04 17.70 18.07
CA ILE B 327 22.30 17.77 17.32
C ILE B 327 21.93 18.36 15.96
N LYS B 328 22.62 19.43 15.55
CA LYS B 328 22.27 20.19 14.35
C LYS B 328 23.38 20.14 13.30
N VAL B 329 23.30 19.15 12.41
CA VAL B 329 24.25 18.99 11.30
C VAL B 329 23.43 18.76 10.03
N LYS B 330 23.82 19.40 8.93
CA LYS B 330 23.15 19.22 7.63
C LYS B 330 23.08 17.74 7.26
N PRO B 331 21.91 17.26 6.75
CA PRO B 331 21.81 15.84 6.42
C PRO B 331 22.78 15.43 5.30
N SER B 332 23.45 14.30 5.50
CA SER B 332 24.48 13.79 4.58
C SER B 332 23.92 12.85 3.51
N TYR B 333 22.65 12.46 3.63
CA TYR B 333 21.96 11.63 2.64
C TYR B 333 20.49 12.02 2.55
N ASN B 334 19.77 11.45 1.59
CA ASN B 334 18.35 11.73 1.40
C ASN B 334 17.49 10.98 2.43
N TRP B 335 17.48 11.54 3.64
CA TRP B 335 16.72 11.01 4.79
C TRP B 335 15.20 11.08 4.65
N TYR B 336 14.71 12.05 3.87
CA TYR B 336 13.28 12.34 3.79
C TYR B 336 12.66 11.56 2.63
N LYS B 337 11.72 10.68 2.96
CA LYS B 337 10.99 9.87 1.97
C LYS B 337 9.50 9.84 2.32
N SER B 338 8.67 9.49 1.34
CA SER B 338 7.21 9.38 1.54
C SER B 338 6.66 8.11 0.90
N TYR B 339 5.54 7.63 1.46
CA TYR B 339 4.82 6.49 0.90
C TYR B 339 4.01 6.99 -0.27
N MET B 340 3.97 6.23 -1.37
CA MET B 340 3.08 6.54 -2.49
C MET B 340 1.70 5.94 -2.23
N PHE B 341 0.69 6.81 -2.17
CA PHE B 341 -0.71 6.39 -2.13
C PHE B 341 -1.26 6.39 -3.54
N ARG B 342 -2.04 5.37 -3.88
CA ARG B 342 -2.92 5.41 -5.05
C ARG B 342 -4.35 5.27 -4.57
N ILE B 343 -5.23 6.12 -5.09
CA ILE B 343 -6.67 6.03 -4.84
C ILE B 343 -7.44 5.91 -6.14
N GLN B 344 -8.66 5.40 -6.04
CA GLN B 344 -9.55 5.26 -7.20
C GLN B 344 -10.96 5.65 -6.82
N THR B 345 -11.63 6.37 -7.72
CA THR B 345 -12.99 6.83 -7.50
C THR B 345 -13.98 5.71 -7.79
N LEU B 346 -15.09 5.71 -7.05
CA LEU B 346 -16.17 4.75 -7.20
C LEU B 346 -17.50 5.52 -7.19
N GLU B 347 -18.60 4.79 -7.31
CA GLU B 347 -19.93 5.39 -7.18
C GLU B 347 -20.06 6.00 -5.79
N GLY B 348 -20.44 7.27 -5.74
CA GLY B 348 -20.54 8.00 -4.47
C GLY B 348 -19.26 8.68 -3.99
N SER B 349 -18.19 8.64 -4.80
CA SER B 349 -16.98 9.42 -4.51
C SER B 349 -17.24 10.89 -4.83
N LYS B 350 -16.55 11.77 -4.12
CA LYS B 350 -16.59 13.20 -4.42
C LYS B 350 -15.33 13.91 -3.91
N GLY B 351 -15.02 15.05 -4.51
CA GLY B 351 -13.87 15.85 -4.13
C GLY B 351 -14.24 16.94 -3.12
N PHE B 352 -13.34 17.91 -3.00
CA PHE B 352 -13.45 19.02 -2.06
C PHE B 352 -13.58 20.29 -2.90
N GLU B 353 -14.64 21.06 -2.64
CA GLU B 353 -14.93 22.27 -3.42
C GLU B 353 -15.19 23.52 -2.57
N ASP B 354 -14.84 23.48 -1.29
CA ASP B 354 -15.04 24.59 -0.37
C ASP B 354 -13.77 25.43 -0.24
N GLU B 355 -13.93 26.63 0.31
CA GLU B 355 -12.83 27.58 0.48
C GLU B 355 -12.07 27.30 1.77
N ILE B 356 -10.76 27.57 1.75
CA ILE B 356 -9.90 27.49 2.93
C ILE B 356 -9.16 28.82 3.06
N THR B 357 -9.08 29.35 4.28
CA THR B 357 -8.53 30.69 4.53
C THR B 357 -7.35 30.75 5.52
N VAL B 358 -6.80 29.59 5.88
CA VAL B 358 -5.65 29.54 6.79
C VAL B 358 -4.39 30.08 6.12
N GLY B 359 -3.48 30.63 6.93
CA GLY B 359 -2.19 31.14 6.44
C GLY B 359 -1.13 30.05 6.45
N GLN B 360 -0.18 30.16 7.37
CA GLN B 360 0.89 29.18 7.53
C GLN B 360 0.42 27.82 8.07
N GLU B 361 -0.80 27.79 8.64
CA GLU B 361 -1.39 26.55 9.17
C GLU B 361 -1.80 25.56 8.06
N LEU B 362 -1.79 26.00 6.81
CA LEU B 362 -1.89 25.10 5.66
C LEU B 362 -0.74 24.09 5.66
N TYR B 363 0.46 24.58 5.98
CA TYR B 363 1.67 23.76 5.99
C TYR B 363 2.03 23.23 7.38
N ASP B 364 1.85 24.06 8.41
CA ASP B 364 2.34 23.76 9.76
C ASP B 364 1.26 23.18 10.67
N ASP B 365 1.63 22.10 11.37
CA ASP B 365 0.89 21.62 12.56
C ASP B 365 1.91 21.08 13.57
N GLU B 366 1.43 20.47 14.66
CA GLU B 366 2.33 19.97 15.71
C GLU B 366 3.31 18.89 15.24
N GLU B 367 2.91 18.10 14.25
CA GLU B 367 3.74 17.00 13.74
C GLU B 367 4.70 17.41 12.61
N SER B 368 4.47 18.55 11.97
CA SER B 368 5.35 19.04 10.89
C SER B 368 6.61 19.68 11.44
N SER B 369 7.71 19.55 10.69
CA SER B 369 8.98 20.20 11.03
C SER B 369 9.81 20.83 9.90
N THR B 370 9.51 20.52 8.63
CA THR B 370 10.35 20.96 7.50
C THR B 370 9.95 22.31 6.89
N THR B 371 9.20 23.12 7.64
CA THR B 371 9.00 24.54 7.33
C THR B 371 9.24 25.36 8.59
#